data_9IJZ
#
_entry.id   9IJZ
#
_cell.length_a   1.00
_cell.length_b   1.00
_cell.length_c   1.00
_cell.angle_alpha   90.00
_cell.angle_beta   90.00
_cell.angle_gamma   90.00
#
_symmetry.space_group_name_H-M   'P 1'
#
loop_
_entity.id
_entity.type
_entity.pdbx_description
1 polymer 'Solute carrier family 53 member 1'
2 non-polymer 'PHOSPHATE ION'
3 non-polymer '(4S,7R)-4-HYDROXY-N,N,N-TRIMETHYL-9-OXO-7-[(PALMITOYLOXY)METHYL]-3,5,8-TRIOXA-4-PHOSPHAHEXACOSAN-1-AMINIUM 4-OXIDE'
#
_entity_poly.entity_id   1
_entity_poly.type   'polypeptide(L)'
_entity_poly.pdbx_seq_one_letter_code
;MKFAEHLSAHITPEWRKQYIQYEAFKDMLYSAQDQAPSVEVTDEDTVKRYFAKFEEKFFQTCEKELAKINTFYSEKLAEA
QRRFATLQNELQSSLDAQKESTGVTTLRQRRKPVFHLSHEERVQHRNIKDLKLAFSEFYLSLILLQNYQNLNFTGFRKIL
KKHDKILETSRGADWRVAHVEVAPFYTCKKINQLISETEAVVTNELEDGDRQKAMKRLRVPPLGAAQPAPAWTTFRVGLF
CGIFIVLNITLVLAAVFKLETDRSIWPLIRIYRGGFLLIEFLFLLGINTYGWRQAGVNHVLIFELNPRSNLSHQHLFEIA
GFLGILWCLSLLACFFAPISVIPTYVYPLALYGFMVFFLINPTKTFYYKSRFWLLKLLFRVFTAPFHKVGFADFWLADQL
NSLSVILMDLEYMICFYSLELKWDESKGLLPNNSEESGICHKYTYGVRAIVQCIPAWLRFIQCLRRYRDTKRAFPHLVNA
GKYSTTFFMVTFAALYSTHKERGHSDTMVFFYLWIVFYIISSCYTLIWDLKMDWGLFDKNAGENTFLREEIVYPQKAYYY
CAIIEDVILRFAWTIQISITSTTLLPHSGDIIATVFAPLEVFRRFVWNFFRLENEHLNNCGEFRAVRDISVAPLNADDQT
LLEQMMDQDDGVRNRQKNRSWKYNQSISLRRPRLASQSKARDTKVLIEDTDDEANTLEGGSSGGWSHPQFEK
;
_entity_poly.pdbx_strand_id   A,B
#
# COMPACT_ATOMS: atom_id res chain seq x y z
N ALA A 229 -4.30 15.47 11.21
CA ALA A 229 -3.81 14.37 10.38
C ALA A 229 -3.63 13.10 11.20
N PRO A 230 -4.72 12.36 11.37
CA PRO A 230 -4.63 11.09 12.13
C PRO A 230 -3.71 10.09 11.43
N ALA A 231 -3.06 9.25 12.24
CA ALA A 231 -2.12 8.29 11.70
C ALA A 231 -2.79 7.29 10.77
N TRP A 232 -3.98 6.80 11.13
CA TRP A 232 -4.68 5.84 10.29
C TRP A 232 -5.15 6.43 8.97
N THR A 233 -5.36 7.75 8.90
CA THR A 233 -5.71 8.38 7.63
C THR A 233 -4.55 8.30 6.64
N THR A 234 -3.35 8.68 7.09
CA THR A 234 -2.17 8.55 6.24
C THR A 234 -1.87 7.07 5.95
N PHE A 235 -2.13 6.20 6.91
CA PHE A 235 -1.94 4.78 6.68
C PHE A 235 -2.88 4.27 5.58
N ARG A 236 -4.13 4.72 5.60
CA ARG A 236 -5.06 4.35 4.54
C ARG A 236 -4.66 4.94 3.20
N VAL A 237 -4.13 6.17 3.20
CA VAL A 237 -3.63 6.76 1.96
C VAL A 237 -2.52 5.89 1.37
N GLY A 238 -1.54 5.53 2.19
CA GLY A 238 -0.45 4.69 1.71
C GLY A 238 -0.90 3.31 1.32
N LEU A 239 -1.80 2.71 2.09
CA LEU A 239 -2.29 1.37 1.79
C LEU A 239 -3.03 1.36 0.45
N PHE A 240 -3.94 2.31 0.26
CA PHE A 240 -4.68 2.39 -0.98
C PHE A 240 -3.78 2.70 -2.16
N CYS A 241 -2.79 3.58 -1.97
CA CYS A 241 -1.89 3.91 -3.07
C CYS A 241 -1.00 2.73 -3.43
N GLY A 242 -0.54 1.98 -2.44
CA GLY A 242 0.26 0.80 -2.73
C GLY A 242 -0.51 -0.28 -3.45
N ILE A 243 -1.74 -0.55 -2.98
CA ILE A 243 -2.59 -1.50 -3.69
C ILE A 243 -2.88 -0.99 -5.09
N PHE A 244 -3.09 0.32 -5.22
CA PHE A 244 -3.31 0.92 -6.54
C PHE A 244 -2.12 0.69 -7.46
N ILE A 245 -0.91 0.90 -6.95
CA ILE A 245 0.29 0.74 -7.78
C ILE A 245 0.44 -0.70 -8.24
N VAL A 246 0.31 -1.64 -7.31
CA VAL A 246 0.46 -3.05 -7.68
C VAL A 246 -0.66 -3.48 -8.63
N LEU A 247 -1.86 -2.94 -8.44
CA LEU A 247 -2.96 -3.31 -9.32
C LEU A 247 -2.80 -2.71 -10.71
N ASN A 248 -2.25 -1.50 -10.81
CA ASN A 248 -1.96 -0.95 -12.13
C ASN A 248 -0.88 -1.75 -12.83
N ILE A 249 0.15 -2.18 -12.10
CA ILE A 249 1.18 -3.04 -12.68
C ILE A 249 0.56 -4.34 -13.17
N THR A 250 -0.28 -4.96 -12.33
CA THR A 250 -0.95 -6.19 -12.73
C THR A 250 -1.83 -5.97 -13.95
N LEU A 251 -2.48 -4.81 -14.03
CA LEU A 251 -3.29 -4.48 -15.19
C LEU A 251 -2.44 -4.37 -16.45
N VAL A 252 -1.25 -3.75 -16.33
CA VAL A 252 -0.37 -3.60 -17.47
C VAL A 252 0.06 -4.97 -18.00
N LEU A 253 0.54 -5.83 -17.10
CA LEU A 253 0.95 -7.16 -17.53
C LEU A 253 -0.23 -7.98 -18.04
N ALA A 254 -1.41 -7.82 -17.43
CA ALA A 254 -2.59 -8.53 -17.91
C ALA A 254 -2.97 -8.09 -19.31
N ALA A 255 -2.87 -6.79 -19.60
CA ALA A 255 -3.13 -6.31 -20.95
C ALA A 255 -2.05 -6.78 -21.92
N VAL A 256 -0.81 -6.97 -21.44
CA VAL A 256 0.26 -7.38 -22.34
C VAL A 256 0.06 -8.83 -22.77
N PHE A 257 -0.12 -9.71 -21.80
CA PHE A 257 -0.24 -11.10 -22.13
C PHE A 257 -1.63 -11.72 -21.99
N LYS A 258 -2.29 -11.48 -20.86
CA LYS A 258 -3.57 -12.14 -20.61
C LYS A 258 -4.65 -11.67 -21.58
N LEU A 259 -4.67 -10.38 -21.89
CA LEU A 259 -5.70 -9.85 -22.77
C LEU A 259 -5.61 -10.45 -24.16
N GLU A 260 -6.78 -10.72 -24.74
CA GLU A 260 -6.88 -11.30 -26.08
C GLU A 260 -7.27 -10.21 -27.07
N THR A 261 -6.57 -10.15 -28.21
CA THR A 261 -6.83 -9.13 -29.22
C THR A 261 -8.12 -9.36 -29.99
N ASP A 262 -8.76 -10.53 -29.84
CA ASP A 262 -9.98 -10.82 -30.58
C ASP A 262 -11.12 -9.88 -30.17
N ARG A 263 -11.27 -9.66 -28.86
CA ARG A 263 -12.34 -8.81 -28.35
C ARG A 263 -11.96 -7.35 -28.51
N SER A 264 -12.88 -6.55 -29.04
CA SER A 264 -12.66 -5.12 -29.15
C SER A 264 -12.80 -4.47 -27.77
N ILE A 265 -11.75 -3.76 -27.34
CA ILE A 265 -11.69 -3.19 -26.00
C ILE A 265 -12.09 -1.73 -25.97
N TRP A 266 -12.54 -1.17 -27.09
CA TRP A 266 -12.87 0.26 -27.12
C TRP A 266 -14.04 0.62 -26.20
N PRO A 267 -15.17 -0.10 -26.19
CA PRO A 267 -16.20 0.23 -25.19
C PRO A 267 -15.69 0.08 -23.76
N LEU A 268 -14.92 -0.96 -23.50
CA LEU A 268 -14.31 -1.13 -22.18
C LEU A 268 -13.41 0.04 -21.84
N ILE A 269 -12.58 0.47 -22.78
CA ILE A 269 -11.67 1.57 -22.51
C ILE A 269 -12.43 2.87 -22.32
N ARG A 270 -13.59 3.04 -22.96
CA ARG A 270 -14.35 4.27 -22.79
C ARG A 270 -15.01 4.33 -21.42
N ILE A 271 -15.66 3.24 -21.01
CA ILE A 271 -16.29 3.20 -19.70
C ILE A 271 -15.25 3.41 -18.60
N TYR A 272 -14.17 2.63 -18.66
CA TYR A 272 -13.14 2.79 -17.64
C TYR A 272 -12.34 4.06 -17.84
N ARG A 273 -12.41 4.70 -19.00
CA ARG A 273 -11.84 6.03 -19.15
C ARG A 273 -12.62 7.04 -18.32
N GLY A 274 -13.94 6.98 -18.36
CA GLY A 274 -14.73 7.83 -17.48
C GLY A 274 -14.36 7.62 -16.02
N GLY A 275 -14.28 6.35 -15.61
CA GLY A 275 -13.89 6.07 -14.24
C GLY A 275 -12.50 6.59 -13.90
N PHE A 276 -11.53 6.32 -14.78
CA PHE A 276 -10.15 6.73 -14.50
C PHE A 276 -9.99 8.24 -14.49
N LEU A 277 -10.74 8.93 -15.34
CA LEU A 277 -10.69 10.39 -15.32
C LEU A 277 -11.26 10.94 -14.02
N LEU A 278 -12.31 10.30 -13.49
CA LEU A 278 -12.81 10.70 -12.18
C LEU A 278 -11.76 10.50 -11.09
N ILE A 279 -11.08 9.34 -11.11
CA ILE A 279 -10.07 9.06 -10.09
C ILE A 279 -8.89 10.01 -10.22
N GLU A 280 -8.44 10.26 -11.46
CA GLU A 280 -7.35 11.19 -11.69
C GLU A 280 -7.74 12.60 -11.25
N PHE A 281 -8.97 13.00 -11.50
CA PHE A 281 -9.44 14.30 -11.04
C PHE A 281 -9.40 14.39 -9.52
N LEU A 282 -9.75 13.30 -8.83
CA LEU A 282 -9.71 13.32 -7.37
C LEU A 282 -8.27 13.39 -6.85
N PHE A 283 -7.36 12.65 -7.47
CA PHE A 283 -5.95 12.75 -7.10
C PHE A 283 -5.43 14.17 -7.29
N LEU A 284 -5.66 14.75 -8.47
CA LEU A 284 -5.19 16.09 -8.75
C LEU A 284 -5.89 17.12 -7.87
N LEU A 285 -7.12 16.84 -7.45
CA LEU A 285 -7.79 17.74 -6.50
C LEU A 285 -7.12 17.69 -5.14
N GLY A 286 -6.69 16.50 -4.71
CA GLY A 286 -5.92 16.41 -3.49
C GLY A 286 -4.61 17.16 -3.58
N ILE A 287 -3.94 17.06 -4.73
CA ILE A 287 -2.71 17.83 -4.96
C ILE A 287 -3.01 19.33 -4.93
N ASN A 288 -4.14 19.73 -5.52
CA ASN A 288 -4.52 21.14 -5.52
C ASN A 288 -4.77 21.63 -4.10
N THR A 289 -5.46 20.84 -3.29
CA THR A 289 -5.71 21.22 -1.90
C THR A 289 -4.41 21.34 -1.13
N TYR A 290 -3.48 20.40 -1.34
CA TYR A 290 -2.17 20.47 -0.71
C TYR A 290 -1.46 21.75 -1.08
N GLY A 291 -1.44 22.08 -2.38
CA GLY A 291 -0.78 23.30 -2.82
C GLY A 291 -1.43 24.55 -2.28
N TRP A 292 -2.76 24.58 -2.25
CA TRP A 292 -3.47 25.75 -1.73
C TRP A 292 -3.17 25.96 -0.25
N ARG A 293 -3.14 24.87 0.53
CA ARG A 293 -2.91 25.01 1.96
C ARG A 293 -1.48 25.40 2.28
N GLN A 294 -0.51 24.84 1.55
CA GLN A 294 0.89 25.19 1.81
C GLN A 294 1.35 26.42 1.06
N ALA A 295 0.50 27.03 0.25
CA ALA A 295 0.84 28.31 -0.37
C ALA A 295 0.14 29.50 0.29
N GLY A 296 -1.10 29.32 0.74
CA GLY A 296 -1.86 30.39 1.34
C GLY A 296 -3.21 30.65 0.71
N VAL A 297 -3.60 29.89 -0.32
CA VAL A 297 -4.89 30.06 -0.95
C VAL A 297 -5.97 29.58 0.01
N ASN A 298 -6.74 30.50 0.56
CA ASN A 298 -7.80 30.19 1.52
C ASN A 298 -9.02 29.65 0.77
N HIS A 299 -8.85 28.45 0.20
CA HIS A 299 -9.93 27.84 -0.57
C HIS A 299 -11.12 27.47 0.31
N VAL A 300 -10.93 27.33 1.62
CA VAL A 300 -12.05 27.07 2.51
C VAL A 300 -13.03 28.24 2.49
N LEU A 301 -12.50 29.47 2.56
CA LEU A 301 -13.36 30.64 2.50
C LEU A 301 -13.89 30.87 1.09
N ILE A 302 -13.05 30.60 0.08
CA ILE A 302 -13.47 30.81 -1.30
C ILE A 302 -14.59 29.86 -1.69
N PHE A 303 -14.47 28.59 -1.29
CA PHE A 303 -15.49 27.59 -1.60
C PHE A 303 -16.71 27.68 -0.70
N GLU A 304 -16.68 28.55 0.31
CA GLU A 304 -17.75 28.66 1.31
C GLU A 304 -17.95 27.32 2.03
N LEU A 305 -16.91 26.89 2.74
CA LEU A 305 -16.91 25.65 3.47
C LEU A 305 -16.78 25.92 4.97
N ASN A 306 -17.37 25.04 5.77
CA ASN A 306 -17.22 25.11 7.21
C ASN A 306 -15.81 24.68 7.59
N PRO A 307 -15.03 25.51 8.29
CA PRO A 307 -13.66 25.12 8.62
C PRO A 307 -13.59 24.12 9.77
N ARG A 308 -14.47 23.13 9.75
CA ARG A 308 -14.47 22.05 10.73
C ARG A 308 -14.33 20.68 10.09
N SER A 309 -15.13 20.41 9.05
CA SER A 309 -15.10 19.13 8.35
C SER A 309 -14.60 19.27 6.91
N ASN A 310 -13.84 20.31 6.63
CA ASN A 310 -13.29 20.49 5.28
C ASN A 310 -12.37 19.33 4.93
N LEU A 311 -12.51 18.82 3.72
CA LEU A 311 -11.74 17.65 3.31
C LEU A 311 -10.28 18.04 3.07
N SER A 312 -9.38 17.36 3.78
CA SER A 312 -7.96 17.58 3.58
C SER A 312 -7.47 16.86 2.33
N HIS A 313 -6.20 17.11 1.98
CA HIS A 313 -5.63 16.44 0.81
C HIS A 313 -5.54 14.93 1.03
N GLN A 314 -5.24 14.52 2.27
CA GLN A 314 -5.15 13.10 2.56
C GLN A 314 -6.48 12.40 2.37
N HIS A 315 -7.59 13.05 2.79
CA HIS A 315 -8.90 12.43 2.64
C HIS A 315 -9.27 12.26 1.17
N LEU A 316 -8.98 13.26 0.35
CA LEU A 316 -9.16 13.11 -1.09
C LEU A 316 -8.28 12.01 -1.63
N PHE A 317 -7.10 11.82 -1.05
CA PHE A 317 -6.22 10.72 -1.48
C PHE A 317 -6.83 9.38 -1.13
N GLU A 318 -7.46 9.25 0.05
CA GLU A 318 -8.14 8.00 0.37
C GLU A 318 -9.30 7.75 -0.57
N ILE A 319 -10.08 8.79 -0.88
CA ILE A 319 -11.21 8.63 -1.80
C ILE A 319 -10.71 8.17 -3.16
N ALA A 320 -9.68 8.85 -3.68
CA ALA A 320 -9.14 8.49 -4.99
C ALA A 320 -8.56 7.08 -4.98
N GLY A 321 -7.82 6.72 -3.93
CA GLY A 321 -7.24 5.39 -3.88
C GLY A 321 -8.30 4.31 -3.74
N PHE A 322 -9.34 4.56 -2.95
CA PHE A 322 -10.42 3.59 -2.79
C PHE A 322 -11.12 3.35 -4.12
N LEU A 323 -11.56 4.42 -4.77
CA LEU A 323 -12.23 4.27 -6.06
C LEU A 323 -11.29 3.70 -7.12
N GLY A 324 -9.99 4.02 -7.04
CA GLY A 324 -9.05 3.43 -7.97
C GLY A 324 -8.85 1.95 -7.74
N ILE A 325 -8.93 1.52 -6.49
CA ILE A 325 -8.82 0.09 -6.19
C ILE A 325 -10.02 -0.66 -6.77
N LEU A 326 -11.22 -0.12 -6.57
CA LEU A 326 -12.39 -0.75 -7.19
C LEU A 326 -12.34 -0.68 -8.71
N TRP A 327 -11.81 0.41 -9.25
CA TRP A 327 -11.64 0.52 -10.70
C TRP A 327 -10.71 -0.56 -11.22
N CYS A 328 -9.58 -0.75 -10.54
CA CYS A 328 -8.62 -1.78 -10.96
C CYS A 328 -9.20 -3.17 -10.80
N LEU A 329 -9.94 -3.39 -9.71
CA LEU A 329 -10.54 -4.71 -9.50
C LEU A 329 -11.60 -5.02 -10.55
N SER A 330 -12.44 -4.05 -10.88
CA SER A 330 -13.44 -4.26 -11.93
C SER A 330 -12.79 -4.49 -13.28
N LEU A 331 -11.76 -3.71 -13.60
CA LEU A 331 -11.08 -3.90 -14.87
C LEU A 331 -10.38 -5.25 -14.94
N LEU A 332 -9.79 -5.68 -13.82
CA LEU A 332 -9.16 -7.00 -13.77
C LEU A 332 -10.20 -8.11 -13.92
N ALA A 333 -11.36 -7.94 -13.30
CA ALA A 333 -12.44 -8.91 -13.49
C ALA A 333 -12.87 -8.96 -14.95
N CYS A 334 -12.89 -7.80 -15.61
CA CYS A 334 -13.17 -7.78 -17.05
C CYS A 334 -12.09 -8.51 -17.84
N PHE A 335 -10.83 -8.41 -17.41
CA PHE A 335 -9.77 -9.17 -18.06
C PHE A 335 -9.93 -10.65 -17.81
N PHE A 336 -9.86 -11.07 -16.55
CA PHE A 336 -10.18 -12.43 -16.14
C PHE A 336 -11.17 -12.38 -15.00
N ALA A 337 -12.30 -13.08 -15.16
CA ALA A 337 -13.35 -13.06 -14.17
C ALA A 337 -13.28 -14.33 -13.33
N PRO A 338 -12.94 -14.25 -12.05
CA PRO A 338 -12.86 -15.47 -11.24
C PRO A 338 -14.22 -15.90 -10.70
N ILE A 339 -15.25 -15.78 -11.54
CA ILE A 339 -16.61 -16.23 -11.21
C ILE A 339 -17.22 -16.76 -12.49
N SER A 340 -17.89 -17.91 -12.38
CA SER A 340 -18.52 -18.54 -13.54
C SER A 340 -19.94 -18.05 -13.81
N VAL A 341 -20.68 -17.66 -12.77
CA VAL A 341 -22.06 -17.23 -12.94
C VAL A 341 -22.15 -15.73 -13.22
N ILE A 342 -21.35 -14.92 -12.55
CA ILE A 342 -21.40 -13.47 -12.73
C ILE A 342 -20.79 -13.13 -14.08
N PRO A 343 -21.49 -12.39 -14.95
CA PRO A 343 -20.93 -12.02 -16.24
C PRO A 343 -19.97 -10.84 -16.10
N THR A 344 -19.50 -10.34 -17.24
CA THR A 344 -18.48 -9.29 -17.22
C THR A 344 -19.10 -7.91 -17.24
N TYR A 345 -20.24 -7.74 -17.92
CA TYR A 345 -20.82 -6.41 -18.08
C TYR A 345 -21.36 -5.83 -16.80
N VAL A 346 -21.46 -6.62 -15.73
CA VAL A 346 -21.94 -6.10 -14.45
C VAL A 346 -20.82 -5.44 -13.65
N TYR A 347 -19.57 -5.88 -13.85
CA TYR A 347 -18.45 -5.31 -13.11
C TYR A 347 -18.36 -3.79 -13.27
N PRO A 348 -18.44 -3.21 -14.47
CA PRO A 348 -18.53 -1.75 -14.54
C PRO A 348 -19.84 -1.22 -13.97
N LEU A 349 -20.94 -1.93 -14.21
CA LEU A 349 -22.21 -1.52 -13.63
C LEU A 349 -22.14 -1.53 -12.11
N ALA A 350 -21.55 -2.59 -11.53
CA ALA A 350 -21.39 -2.64 -10.08
C ALA A 350 -20.44 -1.55 -9.60
N LEU A 351 -19.39 -1.26 -10.36
CA LEU A 351 -18.42 -0.24 -9.95
C LEU A 351 -19.08 1.13 -9.87
N TYR A 352 -19.75 1.54 -10.95
CA TYR A 352 -20.37 2.86 -10.96
C TYR A 352 -21.60 2.91 -10.07
N GLY A 353 -22.29 1.79 -9.89
CA GLY A 353 -23.35 1.74 -8.91
C GLY A 353 -22.83 1.94 -7.50
N PHE A 354 -21.66 1.37 -7.20
CA PHE A 354 -21.04 1.61 -5.90
C PHE A 354 -20.64 3.07 -5.75
N MET A 355 -20.13 3.68 -6.83
CA MET A 355 -19.81 5.10 -6.79
C MET A 355 -21.05 5.93 -6.47
N VAL A 356 -22.16 5.66 -7.17
CA VAL A 356 -23.38 6.42 -6.94
C VAL A 356 -23.91 6.18 -5.53
N PHE A 357 -23.90 4.93 -5.07
CA PHE A 357 -24.40 4.63 -3.73
C PHE A 357 -23.52 5.28 -2.67
N PHE A 358 -22.20 5.24 -2.85
CA PHE A 358 -21.29 5.95 -1.95
C PHE A 358 -21.59 7.43 -1.93
N LEU A 359 -22.04 7.98 -3.06
CA LEU A 359 -22.35 9.40 -3.12
C LEU A 359 -23.69 9.72 -2.44
N ILE A 360 -24.67 8.84 -2.57
CA ILE A 360 -26.06 9.19 -2.25
C ILE A 360 -26.65 8.36 -1.12
N ASN A 361 -25.91 7.44 -0.53
CA ASN A 361 -26.49 6.64 0.55
C ASN A 361 -26.84 7.53 1.73
N PRO A 362 -28.08 7.51 2.22
CA PRO A 362 -28.52 8.52 3.20
C PRO A 362 -27.78 8.46 4.52
N THR A 363 -27.30 7.30 4.94
CA THR A 363 -26.74 7.14 6.27
C THR A 363 -25.48 7.99 6.45
N LYS A 364 -25.13 8.25 7.71
CA LYS A 364 -23.92 8.99 8.05
C LYS A 364 -22.71 8.05 7.95
N THR A 365 -22.53 7.51 6.75
CA THR A 365 -21.49 6.54 6.46
C THR A 365 -20.25 7.32 6.00
N PHE A 366 -19.30 6.66 5.34
CA PHE A 366 -18.01 7.23 4.96
C PHE A 366 -18.13 8.63 4.39
N TYR A 367 -17.51 9.60 5.08
CA TYR A 367 -17.41 10.99 4.60
C TYR A 367 -18.79 11.58 4.34
N TYR A 368 -19.68 11.49 5.32
CA TYR A 368 -21.07 11.88 5.10
C TYR A 368 -21.20 13.35 4.75
N LYS A 369 -20.52 14.23 5.49
CA LYS A 369 -20.67 15.66 5.28
C LYS A 369 -20.18 16.06 3.89
N SER A 370 -19.06 15.47 3.46
CA SER A 370 -18.47 15.84 2.17
C SER A 370 -19.41 15.54 1.02
N ARG A 371 -19.93 14.32 0.96
CA ARG A 371 -20.79 13.96 -0.17
C ARG A 371 -22.16 14.61 -0.06
N PHE A 372 -22.62 14.95 1.14
CA PHE A 372 -23.84 15.73 1.23
C PHE A 372 -23.66 17.12 0.63
N TRP A 373 -22.53 17.76 0.94
CA TRP A 373 -22.24 19.07 0.35
C TRP A 373 -22.06 18.95 -1.16
N LEU A 374 -21.37 17.90 -1.61
CA LEU A 374 -21.19 17.69 -3.05
C LEU A 374 -22.51 17.42 -3.76
N LEU A 375 -23.42 16.69 -3.10
CA LEU A 375 -24.72 16.44 -3.71
C LEU A 375 -25.56 17.70 -3.78
N LYS A 376 -25.48 18.55 -2.75
CA LYS A 376 -26.15 19.84 -2.82
C LYS A 376 -25.63 20.67 -3.99
N LEU A 377 -24.31 20.71 -4.17
CA LEU A 377 -23.76 21.43 -5.31
C LEU A 377 -24.16 20.81 -6.63
N LEU A 378 -24.18 19.47 -6.69
CA LEU A 378 -24.58 18.80 -7.92
C LEU A 378 -26.03 19.09 -8.26
N PHE A 379 -26.86 19.34 -7.25
CA PHE A 379 -28.24 19.77 -7.50
C PHE A 379 -28.31 21.22 -7.95
N ARG A 380 -27.53 22.10 -7.31
CA ARG A 380 -27.58 23.52 -7.67
C ARG A 380 -26.99 23.78 -9.05
N VAL A 381 -25.96 23.05 -9.42
CA VAL A 381 -25.27 23.31 -10.68
C VAL A 381 -26.15 22.93 -11.86
N PHE A 382 -26.80 21.77 -11.78
CA PHE A 382 -27.62 21.29 -12.88
C PHE A 382 -28.94 22.03 -13.02
N THR A 383 -29.33 22.81 -12.02
CA THR A 383 -30.44 23.75 -12.11
C THR A 383 -29.88 25.12 -11.78
N ALA A 384 -29.26 25.76 -12.77
CA ALA A 384 -28.47 26.96 -12.58
C ALA A 384 -29.28 28.26 -12.56
N PRO A 385 -30.17 28.50 -13.53
CA PRO A 385 -30.84 29.82 -13.57
C PRO A 385 -31.71 30.09 -12.36
N PHE A 386 -32.11 29.08 -11.61
CA PHE A 386 -33.01 29.24 -10.48
C PHE A 386 -32.28 29.42 -9.15
N HIS A 387 -30.96 29.40 -9.16
CA HIS A 387 -30.17 29.60 -7.95
C HIS A 387 -29.15 30.71 -8.20
N LYS A 388 -28.94 31.54 -7.18
CA LYS A 388 -27.89 32.55 -7.27
C LYS A 388 -26.53 31.89 -7.38
N VAL A 389 -25.74 32.33 -8.36
CA VAL A 389 -24.48 31.66 -8.67
C VAL A 389 -23.41 32.12 -7.68
N GLY A 390 -23.10 31.26 -6.72
CA GLY A 390 -21.95 31.46 -5.85
C GLY A 390 -20.70 30.91 -6.50
N PHE A 391 -19.60 30.97 -5.74
CA PHE A 391 -18.33 30.49 -6.29
C PHE A 391 -18.35 28.97 -6.48
N ALA A 392 -18.93 28.23 -5.54
CA ALA A 392 -18.85 26.78 -5.61
C ALA A 392 -19.51 26.25 -6.88
N ASP A 393 -20.66 26.79 -7.24
CA ASP A 393 -21.35 26.35 -8.46
C ASP A 393 -20.52 26.64 -9.69
N PHE A 394 -19.97 27.85 -9.81
CA PHE A 394 -19.06 28.22 -10.91
C PHE A 394 -17.94 27.26 -11.01
N TRP A 395 -17.20 27.09 -9.92
CA TRP A 395 -16.00 26.24 -9.94
C TRP A 395 -16.35 24.82 -10.36
N LEU A 396 -17.41 24.25 -9.77
CA LEU A 396 -17.78 22.88 -10.11
C LEU A 396 -18.25 22.77 -11.55
N ALA A 397 -18.91 23.81 -12.07
CA ALA A 397 -19.31 23.79 -13.47
C ALA A 397 -18.11 23.84 -14.39
N ASP A 398 -17.07 24.60 -14.01
CA ASP A 398 -15.84 24.60 -14.79
C ASP A 398 -15.16 23.23 -14.77
N GLN A 399 -15.11 22.60 -13.60
CA GLN A 399 -14.54 21.25 -13.55
C GLN A 399 -15.34 20.29 -14.42
N LEU A 400 -16.66 20.43 -14.45
CA LEU A 400 -17.47 19.62 -15.34
C LEU A 400 -17.14 19.92 -16.80
N ASN A 401 -16.84 21.17 -17.11
CA ASN A 401 -16.41 21.52 -18.46
C ASN A 401 -15.11 20.81 -18.82
N SER A 402 -14.18 20.71 -17.86
CA SER A 402 -12.97 19.93 -18.09
C SER A 402 -13.29 18.44 -18.19
N LEU A 403 -14.19 17.95 -17.34
CA LEU A 403 -14.52 16.53 -17.26
C LEU A 403 -15.71 16.16 -18.12
N SER A 404 -15.91 16.85 -19.25
CA SER A 404 -17.02 16.52 -20.13
C SER A 404 -16.88 15.11 -20.70
N VAL A 405 -15.67 14.56 -20.72
CA VAL A 405 -15.48 13.19 -21.19
C VAL A 405 -16.15 12.19 -20.25
N ILE A 406 -16.26 12.52 -18.97
CA ILE A 406 -16.96 11.65 -18.03
C ILE A 406 -18.43 11.54 -18.39
N LEU A 407 -19.07 12.69 -18.66
CA LEU A 407 -20.45 12.67 -19.13
C LEU A 407 -20.56 11.96 -20.47
N MET A 408 -19.57 12.14 -21.33
CA MET A 408 -19.54 11.44 -22.62
C MET A 408 -19.55 9.93 -22.41
N ASP A 409 -18.70 9.44 -21.51
CA ASP A 409 -18.61 8.00 -21.28
C ASP A 409 -19.84 7.47 -20.56
N LEU A 410 -20.46 8.27 -19.70
CA LEU A 410 -21.71 7.86 -19.06
C LEU A 410 -22.80 7.67 -20.11
N GLU A 411 -22.93 8.65 -21.02
CA GLU A 411 -23.91 8.53 -22.09
C GLU A 411 -23.59 7.34 -22.99
N TYR A 412 -22.30 7.13 -23.29
CA TYR A 412 -21.91 6.00 -24.12
C TYR A 412 -22.24 4.67 -23.45
N MET A 413 -22.02 4.59 -22.13
CA MET A 413 -22.35 3.36 -21.41
C MET A 413 -23.84 3.09 -21.45
N ILE A 414 -24.66 4.12 -21.22
CA ILE A 414 -26.11 3.94 -21.24
C ILE A 414 -26.56 3.49 -22.63
N CYS A 415 -26.07 4.16 -23.67
CA CYS A 415 -26.48 3.82 -25.03
C CYS A 415 -26.01 2.42 -25.41
N PHE A 416 -24.78 2.07 -25.04
CA PHE A 416 -24.24 0.75 -25.35
C PHE A 416 -25.05 -0.35 -24.67
N TYR A 417 -25.33 -0.17 -23.37
CA TYR A 417 -26.12 -1.15 -22.64
C TYR A 417 -27.52 -1.29 -23.23
N SER A 418 -28.14 -0.17 -23.57
CA SER A 418 -29.53 -0.20 -24.03
C SER A 418 -29.67 -0.72 -25.46
N LEU A 419 -28.66 -0.51 -26.30
CA LEU A 419 -28.78 -0.80 -27.72
C LEU A 419 -27.84 -1.88 -28.22
N GLU A 420 -26.55 -1.75 -27.98
CA GLU A 420 -25.56 -2.59 -28.67
C GLU A 420 -25.08 -3.77 -27.85
N LEU A 421 -25.06 -3.66 -26.53
CA LEU A 421 -24.54 -4.75 -25.70
C LEU A 421 -25.47 -5.95 -25.74
N LYS A 422 -24.95 -7.07 -26.23
CA LYS A 422 -25.68 -8.34 -26.21
C LYS A 422 -25.48 -8.98 -24.83
N TRP A 423 -26.58 -9.13 -24.10
CA TRP A 423 -26.49 -9.62 -22.72
C TRP A 423 -26.34 -11.14 -22.69
N ASP A 424 -25.37 -11.66 -23.44
CA ASP A 424 -25.13 -13.09 -23.51
C ASP A 424 -23.78 -13.51 -22.93
N GLU A 425 -22.68 -12.95 -23.44
CA GLU A 425 -21.36 -13.43 -23.03
C GLU A 425 -20.56 -12.37 -22.27
N SER A 426 -20.33 -11.21 -22.88
CA SER A 426 -19.44 -10.21 -22.31
C SER A 426 -19.65 -8.89 -23.02
N LYS A 427 -18.74 -7.96 -22.77
CA LYS A 427 -18.77 -6.61 -23.34
C LYS A 427 -17.70 -6.40 -24.42
N GLY A 428 -17.17 -7.49 -24.96
CA GLY A 428 -16.04 -7.40 -25.87
C GLY A 428 -16.49 -7.17 -27.30
N LEU A 429 -16.50 -8.21 -28.12
CA LEU A 429 -16.92 -8.12 -29.51
C LEU A 429 -15.99 -7.22 -30.32
N GLY A 438 -21.07 0.35 -34.32
CA GLY A 438 -21.51 1.10 -33.16
C GLY A 438 -22.36 2.30 -33.50
N ILE A 439 -23.63 2.28 -33.07
CA ILE A 439 -24.55 3.36 -33.35
C ILE A 439 -24.57 4.42 -32.25
N CYS A 440 -23.72 4.28 -31.23
CA CYS A 440 -23.66 5.23 -30.13
C CYS A 440 -22.34 6.00 -30.08
N HIS A 441 -21.34 5.59 -30.87
CA HIS A 441 -20.04 6.24 -30.80
C HIS A 441 -20.00 7.54 -31.60
N LYS A 442 -20.92 7.74 -32.53
CA LYS A 442 -20.94 8.92 -33.37
C LYS A 442 -22.02 9.90 -32.91
N TYR A 443 -22.20 10.96 -33.68
CA TYR A 443 -23.23 11.98 -33.45
C TYR A 443 -24.47 11.73 -34.29
N THR A 444 -24.86 10.46 -34.44
CA THR A 444 -25.92 10.10 -35.38
C THR A 444 -27.19 10.88 -35.13
N TYR A 445 -27.64 10.92 -33.87
CA TYR A 445 -28.86 11.64 -33.51
C TYR A 445 -28.58 12.95 -32.80
N GLY A 446 -27.31 13.36 -32.72
CA GLY A 446 -26.96 14.63 -32.10
C GLY A 446 -27.04 14.64 -30.59
N VAL A 447 -27.25 13.49 -29.95
CA VAL A 447 -27.35 13.46 -28.49
C VAL A 447 -26.00 13.76 -27.86
N ARG A 448 -24.92 13.20 -28.40
CA ARG A 448 -23.61 13.42 -27.80
C ARG A 448 -23.22 14.88 -27.85
N ALA A 449 -23.66 15.61 -28.87
CA ALA A 449 -23.38 17.04 -28.91
C ALA A 449 -24.04 17.75 -27.74
N ILE A 450 -25.25 17.33 -27.39
CA ILE A 450 -25.92 17.89 -26.21
C ILE A 450 -25.13 17.56 -24.95
N VAL A 451 -24.62 16.33 -24.86
CA VAL A 451 -23.82 15.96 -23.69
C VAL A 451 -22.54 16.78 -23.64
N GLN A 452 -21.93 17.04 -24.79
CA GLN A 452 -20.74 17.89 -24.84
C GLN A 452 -21.05 19.29 -24.35
N CYS A 453 -22.18 19.85 -24.77
CA CYS A 453 -22.52 21.22 -24.42
C CYS A 453 -23.14 21.34 -23.04
N ILE A 454 -23.52 20.23 -22.39
CA ILE A 454 -24.17 20.32 -21.08
C ILE A 454 -23.33 21.10 -20.06
N PRO A 455 -22.04 20.82 -19.89
CA PRO A 455 -21.25 21.70 -19.00
C PRO A 455 -21.14 23.12 -19.54
N ALA A 456 -20.96 23.25 -20.85
CA ALA A 456 -20.93 24.58 -21.46
C ALA A 456 -22.27 25.27 -21.33
N TRP A 457 -23.37 24.51 -21.46
CA TRP A 457 -24.69 25.11 -21.29
C TRP A 457 -24.91 25.58 -19.87
N LEU A 458 -24.48 24.78 -18.89
CA LEU A 458 -24.60 25.20 -17.49
C LEU A 458 -23.80 26.46 -17.22
N ARG A 459 -22.57 26.52 -17.74
CA ARG A 459 -21.77 27.73 -17.55
C ARG A 459 -22.39 28.92 -18.25
N PHE A 460 -22.96 28.71 -19.44
CA PHE A 460 -23.59 29.81 -20.18
C PHE A 460 -24.80 30.36 -19.41
N ILE A 461 -25.66 29.48 -18.92
CA ILE A 461 -26.83 29.95 -18.19
C ILE A 461 -26.43 30.54 -16.84
N GLN A 462 -25.31 30.09 -16.26
CA GLN A 462 -24.81 30.73 -15.06
C GLN A 462 -24.33 32.15 -15.35
N CYS A 463 -23.66 32.36 -16.49
CA CYS A 463 -23.28 33.72 -16.86
C CYS A 463 -24.50 34.60 -17.09
N LEU A 464 -25.53 34.07 -17.75
CA LEU A 464 -26.75 34.86 -17.94
C LEU A 464 -27.43 35.15 -16.61
N ARG A 465 -27.47 34.16 -15.71
CA ARG A 465 -28.05 34.39 -14.39
C ARG A 465 -27.28 35.43 -13.61
N ARG A 466 -25.95 35.42 -13.71
CA ARG A 466 -25.15 36.43 -13.05
C ARG A 466 -25.38 37.81 -13.67
N TYR A 467 -25.66 37.85 -14.98
CA TYR A 467 -26.04 39.12 -15.59
C TYR A 467 -27.35 39.64 -15.03
N ARG A 468 -28.35 38.76 -14.87
CA ARG A 468 -29.62 39.19 -14.30
C ARG A 468 -29.45 39.67 -12.87
N ASP A 469 -28.67 38.94 -12.06
CA ASP A 469 -28.47 39.35 -10.68
C ASP A 469 -27.66 40.64 -10.57
N THR A 470 -26.70 40.84 -11.46
CA THR A 470 -25.88 42.06 -11.47
C THR A 470 -25.76 42.52 -12.91
N LYS A 471 -26.41 43.64 -13.22
CA LYS A 471 -26.39 44.15 -14.59
C LYS A 471 -25.02 44.73 -14.92
N ARG A 472 -24.10 43.86 -15.36
CA ARG A 472 -22.74 44.26 -15.71
C ARG A 472 -22.25 43.28 -16.76
N ALA A 473 -22.14 43.74 -18.00
CA ALA A 473 -21.92 42.83 -19.12
C ALA A 473 -20.44 42.53 -19.36
N PHE A 474 -19.53 43.35 -18.80
CA PHE A 474 -18.12 43.21 -19.17
C PHE A 474 -17.54 41.85 -18.82
N PRO A 475 -17.68 41.31 -17.60
CA PRO A 475 -17.20 39.94 -17.38
C PRO A 475 -18.17 38.89 -17.92
N HIS A 476 -19.46 39.07 -17.62
CA HIS A 476 -20.42 37.98 -17.75
C HIS A 476 -20.83 37.75 -19.20
N LEU A 477 -21.10 38.81 -19.95
CA LEU A 477 -21.53 38.63 -21.34
C LEU A 477 -20.39 38.13 -22.22
N VAL A 478 -19.18 38.63 -21.98
CA VAL A 478 -18.03 38.13 -22.75
C VAL A 478 -17.71 36.69 -22.36
N ASN A 479 -17.90 36.33 -21.10
CA ASN A 479 -17.71 34.93 -20.71
C ASN A 479 -18.78 34.04 -21.34
N ALA A 480 -20.02 34.52 -21.40
CA ALA A 480 -21.07 33.79 -22.08
C ALA A 480 -20.77 33.65 -23.57
N GLY A 481 -20.18 34.68 -24.18
CA GLY A 481 -19.70 34.54 -25.55
C GLY A 481 -18.62 33.48 -25.67
N LYS A 482 -17.73 33.43 -24.69
CA LYS A 482 -16.69 32.40 -24.66
C LYS A 482 -17.29 31.01 -24.67
N TYR A 483 -18.37 30.79 -23.92
CA TYR A 483 -19.01 29.48 -23.90
C TYR A 483 -19.89 29.23 -25.13
N SER A 484 -20.48 30.27 -25.72
CA SER A 484 -21.24 30.07 -26.95
C SER A 484 -20.32 29.75 -28.11
N THR A 485 -19.05 30.16 -28.04
CA THR A 485 -18.08 29.69 -29.03
C THR A 485 -17.93 28.18 -28.94
N THR A 486 -17.93 27.64 -27.72
CA THR A 486 -17.94 26.19 -27.55
C THR A 486 -19.21 25.58 -28.14
N PHE A 487 -20.35 26.24 -27.94
CA PHE A 487 -21.59 25.77 -28.57
C PHE A 487 -21.43 25.66 -30.08
N PHE A 488 -20.96 26.74 -30.71
CA PHE A 488 -20.81 26.76 -32.16
C PHE A 488 -19.82 25.70 -32.64
N MET A 489 -18.69 25.58 -31.94
CA MET A 489 -17.70 24.57 -32.30
C MET A 489 -18.30 23.18 -32.25
N VAL A 490 -19.04 22.86 -31.19
CA VAL A 490 -19.60 21.52 -31.03
C VAL A 490 -20.64 21.24 -32.11
N THR A 491 -21.54 22.19 -32.37
CA THR A 491 -22.59 21.92 -33.35
C THR A 491 -22.02 21.82 -34.75
N PHE A 492 -20.98 22.58 -35.07
CA PHE A 492 -20.38 22.47 -36.40
C PHE A 492 -19.60 21.17 -36.55
N ALA A 493 -18.93 20.73 -35.48
CA ALA A 493 -18.26 19.43 -35.53
C ALA A 493 -19.27 18.31 -35.71
N ALA A 494 -20.39 18.37 -34.99
CA ALA A 494 -21.44 17.37 -35.16
C ALA A 494 -22.06 17.42 -36.54
N LEU A 495 -22.24 18.62 -37.09
CA LEU A 495 -22.77 18.75 -38.44
C LEU A 495 -21.84 18.14 -39.47
N TYR A 496 -20.53 18.36 -39.31
CA TYR A 496 -19.56 17.75 -40.22
C TYR A 496 -19.57 16.23 -40.07
N SER A 497 -19.66 15.73 -38.85
CA SER A 497 -19.68 14.29 -38.63
C SER A 497 -20.93 13.67 -39.24
N THR A 498 -22.06 14.37 -39.19
CA THR A 498 -23.28 13.86 -39.80
C THR A 498 -23.20 13.95 -41.33
N HIS A 499 -22.64 15.04 -41.86
CA HIS A 499 -22.60 15.27 -43.29
C HIS A 499 -21.52 14.45 -43.99
N LYS A 500 -20.57 13.88 -43.26
CA LYS A 500 -19.53 13.06 -43.90
C LYS A 500 -20.15 11.84 -44.58
N GLU A 501 -21.31 11.38 -44.10
CA GLU A 501 -22.03 10.29 -44.75
C GLU A 501 -23.07 10.79 -45.72
N ARG A 502 -23.51 12.05 -45.59
CA ARG A 502 -24.51 12.59 -46.50
C ARG A 502 -23.95 12.75 -47.91
N GLY A 503 -22.68 13.12 -48.02
CA GLY A 503 -22.09 13.39 -49.31
C GLY A 503 -22.32 14.78 -49.85
N HIS A 504 -22.92 15.66 -49.06
CA HIS A 504 -23.19 17.02 -49.50
C HIS A 504 -21.88 17.77 -49.71
N SER A 505 -21.81 18.57 -50.78
CA SER A 505 -20.64 19.41 -51.02
C SER A 505 -20.41 20.43 -49.92
N ASP A 506 -21.43 20.71 -49.10
CA ASP A 506 -21.28 21.60 -47.96
C ASP A 506 -20.50 20.97 -46.83
N THR A 507 -20.11 19.70 -46.94
CA THR A 507 -19.30 19.07 -45.91
C THR A 507 -17.97 19.79 -45.74
N MET A 508 -17.35 20.16 -46.85
CA MET A 508 -16.04 20.81 -46.80
C MET A 508 -16.14 22.19 -46.15
N VAL A 509 -17.18 22.96 -46.50
CA VAL A 509 -17.33 24.27 -45.91
C VAL A 509 -17.72 24.17 -44.44
N PHE A 510 -18.44 23.11 -44.06
CA PHE A 510 -18.72 22.89 -42.64
C PHE A 510 -17.44 22.54 -41.90
N PHE A 511 -16.54 21.79 -42.54
CA PHE A 511 -15.24 21.53 -41.94
C PHE A 511 -14.45 22.82 -41.77
N TYR A 512 -14.49 23.70 -42.77
CA TYR A 512 -13.84 25.01 -42.63
C TYR A 512 -14.42 25.79 -41.46
N LEU A 513 -15.76 25.79 -41.34
CA LEU A 513 -16.40 26.51 -40.24
C LEU A 513 -16.01 25.92 -38.89
N TRP A 514 -15.95 24.59 -38.80
CA TRP A 514 -15.53 23.96 -37.55
C TRP A 514 -14.09 24.33 -37.20
N ILE A 515 -13.21 24.37 -38.21
CA ILE A 515 -11.81 24.69 -37.95
C ILE A 515 -11.68 26.13 -37.47
N VAL A 516 -12.32 27.07 -38.16
CA VAL A 516 -12.17 28.47 -37.78
C VAL A 516 -12.81 28.73 -36.42
N PHE A 517 -13.94 28.08 -36.14
CA PHE A 517 -14.56 28.26 -34.83
C PHE A 517 -13.79 27.58 -33.72
N TYR A 518 -13.10 26.47 -34.01
CA TYR A 518 -12.19 25.89 -33.03
C TYR A 518 -11.02 26.84 -32.75
N ILE A 519 -10.50 27.50 -33.80
CA ILE A 519 -9.46 28.50 -33.59
C ILE A 519 -9.97 29.63 -32.72
N ILE A 520 -11.17 30.13 -33.03
CA ILE A 520 -11.74 31.24 -32.27
C ILE A 520 -11.96 30.84 -30.82
N SER A 521 -12.52 29.64 -30.60
CA SER A 521 -12.78 29.19 -29.24
C SER A 521 -11.48 28.97 -28.47
N SER A 522 -10.46 28.42 -29.13
CA SER A 522 -9.19 28.18 -28.46
C SER A 522 -8.53 29.49 -28.04
N CYS A 523 -8.46 30.46 -28.96
CA CYS A 523 -7.91 31.75 -28.60
C CYS A 523 -8.76 32.46 -27.55
N TYR A 524 -10.06 32.22 -27.57
CA TYR A 524 -10.99 32.92 -26.63
C TYR A 524 -10.86 32.39 -25.26
N THR A 525 -10.70 31.08 -25.13
CA THR A 525 -10.47 30.46 -23.84
C THR A 525 -9.06 30.75 -23.32
N LEU A 526 -8.06 30.69 -24.20
CA LEU A 526 -6.68 30.91 -23.77
C LEU A 526 -6.48 32.34 -23.29
N ILE A 527 -6.98 33.32 -24.06
CA ILE A 527 -6.85 34.71 -23.67
C ILE A 527 -7.61 34.97 -22.37
N TRP A 528 -8.82 34.44 -22.25
CA TRP A 528 -9.59 34.60 -21.02
C TRP A 528 -8.84 34.00 -19.84
N ASP A 529 -8.25 32.82 -20.03
CA ASP A 529 -7.45 32.19 -18.98
C ASP A 529 -6.35 33.13 -18.51
N LEU A 530 -5.40 33.40 -19.41
CA LEU A 530 -4.20 34.14 -19.01
C LEU A 530 -4.49 35.57 -18.59
N LYS A 531 -5.64 36.13 -18.97
CA LYS A 531 -5.93 37.53 -18.63
C LYS A 531 -6.86 37.65 -17.43
N MET A 532 -8.06 37.09 -17.52
CA MET A 532 -9.05 37.22 -16.45
C MET A 532 -9.05 36.06 -15.46
N ASP A 533 -8.69 34.86 -15.90
CA ASP A 533 -8.73 33.71 -15.00
C ASP A 533 -7.51 33.67 -14.11
N TRP A 534 -6.33 33.51 -14.71
CA TRP A 534 -5.10 33.49 -13.94
C TRP A 534 -4.66 34.88 -13.50
N GLY A 535 -5.05 35.91 -14.24
CA GLY A 535 -4.63 37.27 -13.93
C GLY A 535 -3.25 37.64 -14.40
N LEU A 536 -2.61 36.79 -15.21
CA LEU A 536 -1.26 37.05 -15.67
C LEU A 536 -1.28 38.09 -16.80
N PHE A 537 -0.09 38.38 -17.32
CA PHE A 537 0.08 39.38 -18.38
C PHE A 537 -0.50 40.73 -17.99
N ASP A 538 -0.34 41.07 -16.71
CA ASP A 538 -0.84 42.34 -16.20
C ASP A 538 0.04 43.50 -16.65
N LYS A 539 -0.51 44.70 -16.57
CA LYS A 539 0.24 45.90 -16.91
C LYS A 539 1.19 46.34 -15.80
N ASN A 540 1.11 45.73 -14.63
CA ASN A 540 1.98 46.03 -13.50
C ASN A 540 2.87 44.83 -13.17
N ALA A 541 3.40 44.19 -14.21
CA ALA A 541 4.20 42.98 -14.01
C ALA A 541 5.44 43.26 -13.16
N GLY A 542 6.13 44.36 -13.42
CA GLY A 542 7.30 44.69 -12.64
C GLY A 542 8.42 43.70 -12.86
N GLU A 543 9.03 43.24 -11.76
CA GLU A 543 10.10 42.25 -11.86
C GLU A 543 9.57 40.94 -12.43
N ASN A 544 8.38 40.52 -11.99
CA ASN A 544 7.76 39.29 -12.48
C ASN A 544 7.23 39.56 -13.88
N THR A 545 8.14 39.44 -14.86
CA THR A 545 7.79 39.74 -16.24
C THR A 545 6.74 38.76 -16.75
N PHE A 546 5.81 39.29 -17.56
CA PHE A 546 4.72 38.51 -18.16
C PHE A 546 3.80 37.90 -17.12
N LEU A 547 3.72 38.50 -15.93
CA LEU A 547 2.93 37.96 -14.84
C LEU A 547 2.26 39.13 -14.13
N ARG A 548 1.75 38.89 -12.93
CA ARG A 548 1.14 39.92 -12.10
C ARG A 548 2.12 40.32 -11.00
N GLU A 549 1.70 41.27 -10.15
CA GLU A 549 2.66 41.86 -9.23
C GLU A 549 2.65 41.17 -7.86
N GLU A 550 1.62 40.40 -7.53
CA GLU A 550 1.64 39.53 -6.37
C GLU A 550 1.77 38.09 -6.83
N ILE A 551 2.74 37.37 -6.29
CA ILE A 551 2.94 35.96 -6.59
C ILE A 551 3.15 35.22 -5.28
N VAL A 552 2.40 34.14 -5.10
CA VAL A 552 2.43 33.39 -3.84
C VAL A 552 3.24 32.12 -4.00
N TYR A 553 3.29 31.60 -5.23
CA TYR A 553 4.05 30.39 -5.48
C TYR A 553 5.55 30.69 -5.47
N PRO A 554 6.38 29.72 -5.03
CA PRO A 554 7.80 29.99 -4.85
C PRO A 554 8.53 30.36 -6.15
N GLN A 555 8.44 29.51 -7.16
CA GLN A 555 9.20 29.67 -8.38
C GLN A 555 8.33 30.21 -9.50
N LYS A 556 8.87 31.19 -10.24
CA LYS A 556 8.19 31.71 -11.42
C LYS A 556 8.26 30.77 -12.61
N ALA A 557 9.24 29.87 -12.62
CA ALA A 557 9.31 28.87 -13.68
C ALA A 557 8.03 28.04 -13.73
N TYR A 558 7.40 27.83 -12.58
CA TYR A 558 6.08 27.21 -12.56
C TYR A 558 5.08 28.02 -13.39
N TYR A 559 5.11 29.34 -13.21
CA TYR A 559 4.18 30.20 -13.94
C TYR A 559 4.43 30.14 -15.44
N TYR A 560 5.69 30.23 -15.85
CA TYR A 560 5.99 30.23 -17.29
C TYR A 560 5.67 28.87 -17.92
N CYS A 561 6.02 27.78 -17.24
CA CYS A 561 5.67 26.46 -17.73
C CYS A 561 4.16 26.29 -17.80
N ALA A 562 3.43 26.83 -16.82
CA ALA A 562 1.98 26.77 -16.85
C ALA A 562 1.42 27.53 -18.04
N ILE A 563 1.92 28.73 -18.28
CA ILE A 563 1.47 29.52 -19.44
C ILE A 563 1.69 28.72 -20.72
N ILE A 564 2.91 28.21 -20.91
CA ILE A 564 3.22 27.47 -22.12
C ILE A 564 2.31 26.26 -22.27
N GLU A 565 2.32 25.37 -21.27
CA GLU A 565 1.50 24.16 -21.34
C GLU A 565 0.04 24.49 -21.56
N ASP A 566 -0.43 25.63 -21.06
CA ASP A 566 -1.79 26.07 -21.37
C ASP A 566 -1.94 26.36 -22.85
N VAL A 567 -0.92 26.97 -23.47
CA VAL A 567 -1.00 27.26 -24.90
C VAL A 567 -1.13 25.98 -25.71
N ILE A 568 -0.29 24.97 -25.43
CA ILE A 568 -0.42 23.74 -26.20
C ILE A 568 -1.73 23.01 -25.86
N LEU A 569 -2.05 22.88 -24.58
CA LEU A 569 -3.19 22.05 -24.21
C LEU A 569 -4.52 22.66 -24.66
N ARG A 570 -4.64 23.99 -24.64
CA ARG A 570 -5.84 24.61 -25.22
C ARG A 570 -5.85 24.43 -26.73
N PHE A 571 -4.67 24.47 -27.36
CA PHE A 571 -4.55 24.26 -28.79
C PHE A 571 -4.19 22.82 -29.14
N ALA A 572 -4.34 21.88 -28.20
CA ALA A 572 -4.08 20.48 -28.48
C ALA A 572 -5.02 19.93 -29.53
N TRP A 573 -6.13 20.62 -29.79
CA TRP A 573 -7.01 20.22 -30.88
C TRP A 573 -6.31 20.33 -32.23
N THR A 574 -5.38 21.29 -32.36
CA THR A 574 -4.59 21.37 -33.59
C THR A 574 -3.73 20.13 -33.76
N ILE A 575 -3.09 19.67 -32.68
CA ILE A 575 -2.29 18.44 -32.75
C ILE A 575 -3.18 17.26 -33.09
N GLN A 576 -4.37 17.18 -32.47
CA GLN A 576 -5.23 16.03 -32.69
C GLN A 576 -5.77 16.01 -34.12
N ILE A 577 -6.15 17.17 -34.67
CA ILE A 577 -6.65 17.20 -36.03
C ILE A 577 -5.52 16.92 -37.02
N SER A 578 -4.31 17.39 -36.71
CA SER A 578 -3.17 17.11 -37.59
C SER A 578 -2.88 15.63 -37.65
N ILE A 579 -2.84 14.96 -36.49
CA ILE A 579 -2.49 13.54 -36.49
C ILE A 579 -3.64 12.70 -37.05
N THR A 580 -4.88 13.11 -36.83
CA THR A 580 -6.02 12.35 -37.36
C THR A 580 -6.29 12.63 -38.84
N SER A 581 -5.71 13.70 -39.41
CA SER A 581 -5.89 13.99 -40.82
C SER A 581 -4.70 13.61 -41.68
N THR A 582 -3.49 13.57 -41.12
CA THR A 582 -2.29 13.22 -41.87
C THR A 582 -1.91 11.76 -41.73
N THR A 583 -2.69 10.97 -41.01
CA THR A 583 -2.41 9.55 -40.82
C THR A 583 -3.65 8.73 -41.14
N LEU A 584 -3.42 7.46 -41.47
CA LEU A 584 -4.50 6.52 -41.78
C LEU A 584 -4.58 5.38 -40.76
N LEU A 585 -4.08 5.60 -39.55
CA LEU A 585 -4.13 4.56 -38.54
C LEU A 585 -5.58 4.28 -38.12
N PRO A 586 -5.97 3.02 -37.98
CA PRO A 586 -7.35 2.72 -37.61
C PRO A 586 -7.65 3.14 -36.18
N HIS A 587 -8.89 3.61 -35.97
CA HIS A 587 -9.36 4.06 -34.66
C HIS A 587 -8.43 5.10 -34.06
N SER A 588 -7.94 6.01 -34.90
CA SER A 588 -7.00 7.03 -34.43
C SER A 588 -7.66 7.96 -33.42
N GLY A 589 -8.84 8.48 -33.75
CA GLY A 589 -9.48 9.45 -32.88
C GLY A 589 -9.75 8.92 -31.49
N ASP A 590 -10.07 7.63 -31.39
CA ASP A 590 -10.27 7.03 -30.07
C ASP A 590 -8.99 7.09 -29.24
N ILE A 591 -7.86 6.73 -29.85
CA ILE A 591 -6.58 6.79 -29.13
C ILE A 591 -6.27 8.22 -28.73
N ILE A 592 -6.48 9.17 -29.65
CA ILE A 592 -6.16 10.58 -29.37
C ILE A 592 -7.00 11.09 -28.22
N ALA A 593 -8.31 10.80 -28.23
CA ALA A 593 -9.15 11.23 -27.13
C ALA A 593 -8.74 10.57 -25.82
N THR A 594 -8.39 9.28 -25.89
CA THR A 594 -8.01 8.56 -24.68
C THR A 594 -6.75 9.14 -24.03
N VAL A 595 -5.80 9.60 -24.83
CA VAL A 595 -4.57 10.12 -24.25
C VAL A 595 -4.74 11.58 -23.84
N PHE A 596 -5.49 12.36 -24.62
CA PHE A 596 -5.61 13.78 -24.36
C PHE A 596 -6.66 14.11 -23.30
N ALA A 597 -7.54 13.19 -22.95
CA ALA A 597 -8.47 13.45 -21.84
C ALA A 597 -7.75 13.62 -20.51
N PRO A 598 -6.81 12.75 -20.12
CA PRO A 598 -6.03 13.06 -18.91
C PRO A 598 -5.23 14.34 -19.04
N LEU A 599 -4.82 14.70 -20.26
CA LEU A 599 -4.13 15.98 -20.45
C LEU A 599 -5.07 17.15 -20.22
N GLU A 600 -6.35 17.01 -20.59
CA GLU A 600 -7.33 18.04 -20.26
C GLU A 600 -7.57 18.14 -18.76
N VAL A 601 -7.63 16.99 -18.07
CA VAL A 601 -7.76 17.02 -16.62
C VAL A 601 -6.53 17.66 -15.99
N PHE A 602 -5.35 17.40 -16.55
CA PHE A 602 -4.13 18.03 -16.06
C PHE A 602 -4.13 19.53 -16.34
N ARG A 603 -4.68 19.94 -17.49
CA ARG A 603 -4.78 21.35 -17.80
C ARG A 603 -5.65 22.08 -16.79
N ARG A 604 -6.80 21.50 -16.43
CA ARG A 604 -7.61 22.11 -15.40
C ARG A 604 -6.96 21.97 -14.01
N PHE A 605 -6.16 20.92 -13.80
CA PHE A 605 -5.41 20.79 -12.56
C PHE A 605 -4.47 21.98 -12.38
N VAL A 606 -3.78 22.37 -13.45
CA VAL A 606 -2.93 23.56 -13.40
C VAL A 606 -3.77 24.83 -13.33
N TRP A 607 -4.92 24.83 -14.01
CA TRP A 607 -5.79 26.00 -14.00
C TRP A 607 -6.29 26.32 -12.60
N ASN A 608 -6.58 25.29 -11.81
CA ASN A 608 -7.07 25.48 -10.44
C ASN A 608 -6.11 26.31 -9.60
N PHE A 609 -4.82 25.98 -9.66
CA PHE A 609 -3.82 26.68 -8.87
C PHE A 609 -3.91 28.19 -9.05
N PHE A 610 -3.75 28.65 -10.29
CA PHE A 610 -3.65 30.07 -10.53
C PHE A 610 -5.00 30.77 -10.49
N ARG A 611 -6.09 30.09 -10.84
CA ARG A 611 -7.41 30.71 -10.68
C ARG A 611 -7.70 30.99 -9.22
N LEU A 612 -7.48 30.00 -8.35
CA LEU A 612 -7.74 30.21 -6.93
C LEU A 612 -6.74 31.18 -6.31
N GLU A 613 -5.50 31.20 -6.81
CA GLU A 613 -4.55 32.18 -6.32
C GLU A 613 -4.96 33.59 -6.70
N ASN A 614 -5.40 33.78 -7.94
CA ASN A 614 -5.91 35.09 -8.36
C ASN A 614 -7.08 35.52 -7.50
N GLU A 615 -8.00 34.60 -7.22
CA GLU A 615 -9.15 34.92 -6.40
C GLU A 615 -8.75 35.25 -4.97
N HIS A 616 -7.78 34.52 -4.42
CA HIS A 616 -7.30 34.82 -3.07
C HIS A 616 -6.64 36.19 -3.01
N LEU A 617 -5.90 36.56 -4.06
CA LEU A 617 -5.20 37.84 -4.04
C LEU A 617 -6.17 39.00 -4.25
N ASN A 618 -6.86 39.02 -5.38
CA ASN A 618 -7.83 40.06 -5.69
C ASN A 618 -9.18 39.43 -6.02
N ASN A 619 -10.26 40.04 -5.53
CA ASN A 619 -11.59 39.51 -5.76
C ASN A 619 -11.94 39.51 -7.24
N CYS A 620 -12.55 38.41 -7.70
CA CYS A 620 -13.05 38.30 -9.07
C CYS A 620 -14.51 37.83 -9.02
N GLY A 621 -15.42 38.77 -8.81
CA GLY A 621 -16.84 38.49 -8.90
C GLY A 621 -17.53 37.99 -7.65
N GLU A 622 -17.14 36.81 -7.16
CA GLU A 622 -17.94 36.07 -6.19
C GLU A 622 -17.55 36.35 -4.74
N PHE A 623 -16.97 37.52 -4.46
CA PHE A 623 -16.69 37.91 -3.09
C PHE A 623 -17.53 39.11 -2.66
N ARG A 624 -17.41 40.22 -3.37
CA ARG A 624 -18.20 41.44 -3.20
C ARG A 624 -18.05 42.08 -1.83
N ALA A 625 -17.22 41.53 -0.94
CA ALA A 625 -17.08 42.07 0.41
C ALA A 625 -15.67 42.59 0.69
N VAL A 626 -14.66 41.74 0.55
CA VAL A 626 -13.28 42.09 0.87
C VAL A 626 -12.36 41.53 -0.21
N ARG A 627 -11.09 41.95 -0.14
CA ARG A 627 -10.09 41.45 -1.08
C ARG A 627 -9.81 39.97 -0.85
N ASP A 628 -9.74 39.54 0.40
CA ASP A 628 -9.45 38.15 0.74
C ASP A 628 -10.60 37.23 0.36
N ALA B 229 6.46 11.25 14.66
CA ALA B 229 5.82 10.43 13.64
C ALA B 229 5.60 11.23 12.36
N PRO B 230 6.64 11.29 11.52
CA PRO B 230 6.50 12.01 10.25
C PRO B 230 5.45 11.37 9.35
N ALA B 231 4.80 12.20 8.53
CA ALA B 231 3.74 11.72 7.67
C ALA B 231 4.26 10.71 6.65
N TRP B 232 5.42 10.95 6.05
CA TRP B 232 5.97 10.03 5.07
C TRP B 232 6.38 8.69 5.67
N THR B 233 6.69 8.64 6.97
CA THR B 233 6.99 7.36 7.61
C THR B 233 5.74 6.48 7.65
N THR B 234 4.63 7.03 8.13
CA THR B 234 3.37 6.28 8.12
C THR B 234 2.93 5.97 6.68
N PHE B 235 3.19 6.89 5.76
CA PHE B 235 2.87 6.63 4.36
C PHE B 235 3.66 5.44 3.83
N ARG B 236 4.95 5.37 4.17
CA ARG B 236 5.76 4.22 3.76
C ARG B 236 5.29 2.95 4.43
N VAL B 237 4.87 3.02 5.70
CA VAL B 237 4.32 1.85 6.37
C VAL B 237 3.11 1.32 5.61
N GLY B 238 2.17 2.21 5.30
CA GLY B 238 0.97 1.80 4.58
C GLY B 238 1.27 1.33 3.18
N LEU B 239 2.18 2.02 2.47
CA LEU B 239 2.54 1.63 1.12
C LEU B 239 3.16 0.24 1.09
N PHE B 240 4.13 0.00 1.98
CA PHE B 240 4.78 -1.30 2.04
C PHE B 240 3.81 -2.39 2.46
N CYS B 241 2.91 -2.10 3.41
CA CYS B 241 1.96 -3.10 3.85
C CYS B 241 0.94 -3.43 2.76
N GLY B 242 0.51 -2.42 2.01
CA GLY B 242 -0.42 -2.68 0.92
C GLY B 242 0.21 -3.49 -0.20
N ILE B 243 1.44 -3.13 -0.59
CA ILE B 243 2.15 -3.93 -1.57
C ILE B 243 2.38 -5.34 -1.04
N PHE B 244 2.67 -5.46 0.26
CA PHE B 244 2.83 -6.76 0.88
C PHE B 244 1.56 -7.58 0.78
N ILE B 245 0.41 -6.97 1.07
CA ILE B 245 -0.86 -7.71 1.04
C ILE B 245 -1.16 -8.19 -0.37
N VAL B 246 -1.03 -7.30 -1.35
CA VAL B 246 -1.33 -7.70 -2.73
C VAL B 246 -0.33 -8.75 -3.21
N LEU B 247 0.92 -8.65 -2.78
CA LEU B 247 1.92 -9.62 -3.20
C LEU B 247 1.69 -10.98 -2.55
N ASN B 248 1.24 -11.00 -1.29
CA ASN B 248 0.88 -12.27 -0.67
C ASN B 248 -0.31 -12.91 -1.35
N ILE B 249 -1.31 -12.10 -1.73
CA ILE B 249 -2.45 -12.62 -2.48
C ILE B 249 -1.99 -13.20 -3.81
N THR B 250 -1.13 -12.45 -4.52
CA THR B 250 -0.60 -12.94 -5.79
C THR B 250 0.19 -14.22 -5.60
N LEU B 251 0.93 -14.32 -4.49
CA LEU B 251 1.67 -15.54 -4.19
C LEU B 251 0.73 -16.71 -3.96
N VAL B 252 -0.39 -16.47 -3.25
CA VAL B 252 -1.34 -17.54 -2.99
C VAL B 252 -1.93 -18.06 -4.30
N LEU B 253 -2.40 -17.16 -5.15
CA LEU B 253 -2.96 -17.58 -6.44
C LEU B 253 -1.90 -18.22 -7.33
N ALA B 254 -0.66 -17.71 -7.28
CA ALA B 254 0.42 -18.30 -8.07
C ALA B 254 0.71 -19.72 -7.61
N ALA B 255 0.70 -19.96 -6.30
CA ALA B 255 0.89 -21.31 -5.79
C ALA B 255 -0.30 -22.20 -6.14
N VAL B 256 -1.51 -21.63 -6.24
CA VAL B 256 -2.67 -22.45 -6.54
C VAL B 256 -2.64 -22.93 -7.98
N PHE B 257 -2.45 -22.00 -8.90
CA PHE B 257 -2.47 -22.38 -10.30
C PHE B 257 -1.14 -22.37 -11.02
N LYS B 258 -0.37 -21.30 -10.88
CA LYS B 258 0.87 -21.17 -11.65
C LYS B 258 1.90 -22.22 -11.24
N LEU B 259 2.00 -22.49 -9.93
CA LEU B 259 3.00 -23.44 -9.46
C LEU B 259 2.75 -24.83 -10.00
N GLU B 260 3.84 -25.52 -10.35
CA GLU B 260 3.78 -26.88 -10.88
C GLU B 260 4.19 -27.87 -9.79
N THR B 261 3.41 -28.94 -9.64
CA THR B 261 3.66 -29.94 -8.61
C THR B 261 4.86 -30.82 -8.92
N ASP B 262 5.41 -30.76 -10.14
CA ASP B 262 6.54 -31.61 -10.49
C ASP B 262 7.78 -31.26 -9.67
N ARG B 263 8.06 -29.96 -9.51
CA ARG B 263 9.23 -29.53 -8.76
C ARG B 263 8.96 -29.61 -7.28
N SER B 264 9.90 -30.19 -6.53
CA SER B 264 9.79 -30.24 -5.08
C SER B 264 10.10 -28.86 -4.50
N ILE B 265 9.15 -28.33 -3.72
CA ILE B 265 9.24 -26.97 -3.20
C ILE B 265 9.77 -26.93 -1.78
N TRP B 266 10.16 -28.06 -1.21
CA TRP B 266 10.61 -28.08 0.18
C TRP B 266 11.88 -27.25 0.41
N PRO B 267 12.94 -27.35 -0.39
CA PRO B 267 14.07 -26.43 -0.18
C PRO B 267 13.68 -24.98 -0.34
N LEU B 268 12.84 -24.68 -1.33
CA LEU B 268 12.33 -23.32 -1.49
C LEU B 268 11.56 -22.87 -0.26
N ILE B 269 10.70 -23.73 0.26
CA ILE B 269 9.90 -23.35 1.42
C ILE B 269 10.78 -23.19 2.65
N ARG B 270 11.90 -23.92 2.75
CA ARG B 270 12.77 -23.78 3.91
C ARG B 270 13.54 -22.46 3.87
N ILE B 271 14.13 -22.14 2.71
CA ILE B 271 14.86 -20.89 2.58
C ILE B 271 13.93 -19.70 2.83
N TYR B 272 12.79 -19.69 2.13
CA TYR B 272 11.86 -18.59 2.34
C TYR B 272 11.15 -18.68 3.68
N ARG B 273 11.19 -19.83 4.36
CA ARG B 273 10.73 -19.90 5.73
C ARG B 273 11.64 -19.10 6.65
N GLY B 274 12.95 -19.25 6.48
CA GLY B 274 13.87 -18.41 7.23
C GLY B 274 13.61 -16.94 7.00
N GLY B 275 13.45 -16.56 5.73
CA GLY B 275 13.15 -15.17 5.43
C GLY B 275 11.84 -14.70 6.05
N PHE B 276 10.79 -15.50 5.89
CA PHE B 276 9.47 -15.09 6.39
C PHE B 276 9.44 -15.03 7.92
N LEU B 277 10.17 -15.92 8.57
CA LEU B 277 10.25 -15.85 10.03
C LEU B 277 10.97 -14.59 10.48
N LEU B 278 12.00 -14.17 9.75
CA LEU B 278 12.63 -12.89 10.06
C LEU B 278 11.66 -11.72 9.90
N ILE B 279 10.89 -11.72 8.81
CA ILE B 279 9.95 -10.63 8.57
C ILE B 279 8.84 -10.64 9.62
N GLU B 280 8.31 -11.82 9.93
CA GLU B 280 7.29 -11.93 10.97
C GLU B 280 7.83 -11.48 12.31
N PHE B 281 9.07 -11.83 12.63
CA PHE B 281 9.68 -11.37 13.87
C PHE B 281 9.77 -9.85 13.91
N LEU B 282 10.08 -9.22 12.78
CA LEU B 282 10.15 -7.77 12.75
C LEU B 282 8.78 -7.13 12.91
N PHE B 283 7.76 -7.69 12.27
CA PHE B 283 6.40 -7.20 12.47
C PHE B 283 5.98 -7.31 13.94
N LEU B 284 6.17 -8.49 14.53
CA LEU B 284 5.78 -8.68 15.92
C LEU B 284 6.64 -7.84 16.86
N LEU B 285 7.88 -7.53 16.47
CA LEU B 285 8.70 -6.62 17.27
C LEU B 285 8.14 -5.20 17.22
N GLY B 286 7.64 -4.77 16.06
CA GLY B 286 6.97 -3.49 15.99
C GLY B 286 5.72 -3.46 16.85
N ILE B 287 4.95 -4.55 16.85
CA ILE B 287 3.78 -4.65 17.71
C ILE B 287 4.20 -4.60 19.18
N ASN B 288 5.31 -5.28 19.51
CA ASN B 288 5.81 -5.27 20.89
C ASN B 288 6.21 -3.85 21.31
N THR B 289 6.90 -3.13 20.43
CA THR B 289 7.29 -1.76 20.74
C THR B 289 6.07 -0.88 20.94
N TYR B 290 5.06 -1.04 20.08
CA TYR B 290 3.81 -0.30 20.24
C TYR B 290 3.17 -0.57 21.59
N GLY B 291 3.08 -1.85 21.96
CA GLY B 291 2.49 -2.20 23.24
C GLY B 291 3.28 -1.68 24.42
N TRP B 292 4.62 -1.77 24.34
CA TRP B 292 5.46 -1.27 25.43
C TRP B 292 5.29 0.23 25.61
N ARG B 293 5.24 0.98 24.51
CA ARG B 293 5.14 2.43 24.61
C ARG B 293 3.77 2.88 25.10
N GLN B 294 2.70 2.22 24.64
CA GLN B 294 1.37 2.60 25.10
C GLN B 294 0.95 1.93 26.39
N ALA B 295 1.78 1.07 26.96
CA ALA B 295 1.50 0.51 28.28
C ALA B 295 2.34 1.15 29.38
N GLY B 296 3.60 1.49 29.09
CA GLY B 296 4.49 2.06 30.08
C GLY B 296 5.80 1.32 30.24
N VAL B 297 6.04 0.24 29.49
CA VAL B 297 7.29 -0.49 29.58
C VAL B 297 8.40 0.37 28.98
N ASN B 298 9.29 0.87 29.82
CA ASN B 298 10.39 1.74 29.38
C ASN B 298 11.50 0.87 28.78
N HIS B 299 11.18 0.28 27.62
CA HIS B 299 12.14 -0.59 26.95
C HIS B 299 13.37 0.17 26.45
N VAL B 300 13.26 1.49 26.29
CA VAL B 300 14.43 2.27 25.90
C VAL B 300 15.50 2.20 26.99
N LEU B 301 15.08 2.36 28.25
CA LEU B 301 16.02 2.26 29.35
C LEU B 301 16.46 0.81 29.59
N ILE B 302 15.52 -0.12 29.42
CA ILE B 302 15.85 -1.53 29.65
C ILE B 302 16.85 -2.04 28.63
N PHE B 303 16.66 -1.67 27.36
CA PHE B 303 17.56 -2.10 26.29
C PHE B 303 18.85 -1.29 26.24
N GLU B 304 18.98 -0.26 27.08
CA GLU B 304 20.12 0.65 27.07
C GLU B 304 20.28 1.31 25.70
N LEU B 305 19.26 2.09 25.32
CA LEU B 305 19.22 2.79 24.06
C LEU B 305 19.23 4.29 24.29
N ASN B 306 19.80 5.02 23.33
CA ASN B 306 19.78 6.47 23.36
C ASN B 306 18.38 6.96 23.04
N PRO B 307 17.73 7.73 23.90
CA PRO B 307 16.36 8.17 23.61
C PRO B 307 16.30 9.29 22.58
N ARG B 308 17.09 9.17 21.52
CA ARG B 308 17.07 10.12 20.41
C ARG B 308 16.78 9.45 19.09
N SER B 309 17.46 8.34 18.79
CA SER B 309 17.27 7.61 17.54
C SER B 309 16.67 6.22 17.77
N ASN B 310 15.97 6.03 18.88
CA ASN B 310 15.34 4.75 19.15
C ASN B 310 14.29 4.44 18.08
N LEU B 311 14.29 3.20 17.61
CA LEU B 311 13.40 2.82 16.52
C LEU B 311 11.96 2.72 17.03
N SER B 312 11.06 3.48 16.40
CA SER B 312 9.66 3.41 16.74
C SER B 312 9.01 2.18 16.10
N HIS B 313 7.75 1.95 16.47
CA HIS B 313 7.03 0.81 15.89
C HIS B 313 6.84 0.99 14.39
N GLN B 314 6.60 2.24 13.96
CA GLN B 314 6.42 2.50 12.54
C GLN B 314 7.68 2.18 11.74
N HIS B 315 8.85 2.52 12.29
CA HIS B 315 10.09 2.25 11.57
C HIS B 315 10.33 0.75 11.42
N LEU B 316 10.06 -0.02 12.47
CA LEU B 316 10.11 -1.47 12.36
C LEU B 316 9.09 -1.98 11.36
N PHE B 317 7.94 -1.30 11.24
CA PHE B 317 6.95 -1.68 10.23
C PHE B 317 7.47 -1.43 8.83
N GLU B 318 8.18 -0.31 8.61
CA GLU B 318 8.78 -0.08 7.30
C GLU B 318 9.84 -1.12 6.99
N ILE B 319 10.67 -1.46 7.97
CA ILE B 319 11.70 -2.48 7.75
C ILE B 319 11.07 -3.81 7.39
N ALA B 320 10.05 -4.22 8.16
CA ALA B 320 9.38 -5.49 7.90
C ALA B 320 8.69 -5.48 6.55
N GLY B 321 8.01 -4.38 6.20
CA GLY B 321 7.33 -4.31 4.92
C GLY B 321 8.30 -4.29 3.76
N PHE B 322 9.42 -3.59 3.89
CA PHE B 322 10.42 -3.54 2.84
C PHE B 322 11.00 -4.94 2.58
N LEU B 323 11.46 -5.59 3.64
CA LEU B 323 12.01 -6.93 3.48
C LEU B 323 10.95 -7.93 3.03
N GLY B 324 9.69 -7.73 3.44
CA GLY B 324 8.63 -8.60 2.97
C GLY B 324 8.33 -8.40 1.50
N ILE B 325 8.46 -7.16 1.01
CA ILE B 325 8.27 -6.90 -0.41
C ILE B 325 9.35 -7.60 -1.23
N LEU B 326 10.61 -7.49 -0.80
CA LEU B 326 11.67 -8.22 -1.50
C LEU B 326 11.49 -9.73 -1.37
N TRP B 327 11.02 -10.19 -0.21
CA TRP B 327 10.74 -11.62 -0.04
C TRP B 327 9.69 -12.08 -1.03
N CYS B 328 8.60 -11.32 -1.15
CA CYS B 328 7.53 -11.69 -2.08
C CYS B 328 8.00 -11.61 -3.52
N LEU B 329 8.81 -10.60 -3.84
CA LEU B 329 9.31 -10.47 -5.21
C LEU B 329 10.25 -11.62 -5.57
N SER B 330 11.14 -12.00 -4.65
CA SER B 330 12.03 -13.12 -4.90
C SER B 330 11.26 -14.42 -5.03
N LEU B 331 10.27 -14.63 -4.16
CA LEU B 331 9.48 -15.85 -4.25
C LEU B 331 8.67 -15.89 -5.54
N LEU B 332 8.14 -14.75 -5.96
CA LEU B 332 7.41 -14.68 -7.22
C LEU B 332 8.33 -14.95 -8.40
N ALA B 333 9.55 -14.43 -8.36
CA ALA B 333 10.52 -14.73 -9.40
C ALA B 333 10.83 -16.23 -9.43
N CYS B 334 10.89 -16.85 -8.25
CA CYS B 334 11.05 -18.31 -8.21
C CYS B 334 9.86 -19.03 -8.82
N PHE B 335 8.65 -18.48 -8.63
CA PHE B 335 7.48 -19.07 -9.28
C PHE B 335 7.54 -18.88 -10.78
N PHE B 336 7.54 -17.63 -11.24
CA PHE B 336 7.77 -17.29 -12.63
C PHE B 336 8.85 -16.23 -12.70
N ALA B 337 9.90 -16.50 -13.49
CA ALA B 337 11.03 -15.60 -13.59
C ALA B 337 10.91 -14.80 -14.87
N PRO B 338 10.69 -13.49 -14.81
CA PRO B 338 10.59 -12.71 -16.05
C PRO B 338 11.94 -12.30 -16.60
N ILE B 339 12.90 -13.22 -16.54
CA ILE B 339 14.24 -13.02 -17.11
C ILE B 339 14.70 -14.36 -17.65
N SER B 340 15.28 -14.34 -18.85
CA SER B 340 15.76 -15.57 -19.48
C SER B 340 17.18 -15.94 -19.10
N VAL B 341 18.04 -14.95 -18.81
CA VAL B 341 19.43 -15.23 -18.48
C VAL B 341 19.62 -15.47 -16.99
N ILE B 342 18.95 -14.71 -16.14
CA ILE B 342 19.10 -14.86 -14.69
C ILE B 342 18.41 -16.14 -14.26
N PRO B 343 19.10 -17.03 -13.55
CA PRO B 343 18.48 -18.27 -13.08
C PRO B 343 17.64 -18.02 -11.83
N THR B 344 17.11 -19.10 -11.26
CA THR B 344 16.19 -18.96 -10.14
C THR B 344 16.91 -19.00 -8.80
N TYR B 345 18.01 -19.77 -8.71
CA TYR B 345 18.68 -19.93 -7.42
C TYR B 345 19.38 -18.68 -6.93
N VAL B 346 19.49 -17.65 -7.77
CA VAL B 346 20.12 -16.40 -7.33
C VAL B 346 19.12 -15.49 -6.62
N TYR B 347 17.83 -15.60 -6.95
CA TYR B 347 16.82 -14.75 -6.31
C TYR B 347 16.85 -14.86 -4.80
N PRO B 348 16.88 -16.05 -4.17
CA PRO B 348 17.08 -16.08 -2.72
C PRO B 348 18.47 -15.61 -2.32
N LEU B 349 19.49 -15.96 -3.11
CA LEU B 349 20.83 -15.47 -2.82
C LEU B 349 20.88 -13.95 -2.89
N ALA B 350 20.26 -13.37 -3.90
CA ALA B 350 20.21 -11.90 -4.00
C ALA B 350 19.40 -11.31 -2.85
N LEU B 351 18.31 -11.97 -2.46
CA LEU B 351 17.47 -11.46 -1.37
C LEU B 351 18.24 -11.39 -0.06
N TYR B 352 18.86 -12.51 0.33
CA TYR B 352 19.58 -12.54 1.59
C TYR B 352 20.88 -11.75 1.51
N GLY B 353 21.50 -11.66 0.33
CA GLY B 353 22.62 -10.77 0.16
C GLY B 353 22.23 -9.32 0.35
N PHE B 354 21.05 -8.94 -0.13
CA PHE B 354 20.56 -7.58 0.11
C PHE B 354 20.29 -7.36 1.59
N MET B 355 19.75 -8.37 2.28
CA MET B 355 19.55 -8.27 3.72
C MET B 355 20.88 -8.03 4.43
N VAL B 356 21.89 -8.83 4.11
CA VAL B 356 23.20 -8.68 4.75
C VAL B 356 23.82 -7.32 4.42
N PHE B 357 23.74 -6.91 3.16
CA PHE B 357 24.32 -5.61 2.77
C PHE B 357 23.59 -4.47 3.45
N PHE B 358 22.25 -4.54 3.53
CA PHE B 358 21.49 -3.55 4.27
C PHE B 358 21.92 -3.51 5.73
N LEU B 359 22.31 -4.66 6.28
CA LEU B 359 22.73 -4.70 7.67
C LEU B 359 24.13 -4.13 7.86
N ILE B 360 25.05 -4.36 6.91
CA ILE B 360 26.46 -4.15 7.13
C ILE B 360 27.08 -3.10 6.21
N ASN B 361 26.31 -2.47 5.34
CA ASN B 361 26.91 -1.47 4.45
C ASN B 361 27.42 -0.30 5.27
N PRO B 362 28.70 0.09 5.13
CA PRO B 362 29.30 1.05 6.07
C PRO B 362 28.67 2.43 6.02
N THR B 363 28.12 2.85 4.89
CA THR B 363 27.66 4.22 4.73
C THR B 363 26.50 4.53 5.67
N LYS B 364 26.28 5.82 5.91
CA LYS B 364 25.16 6.28 6.73
C LYS B 364 23.87 6.26 5.90
N THR B 365 23.55 5.06 5.42
CA THR B 365 22.41 4.83 4.54
C THR B 365 21.21 4.49 5.44
N PHE B 366 20.16 3.90 4.89
CA PHE B 366 18.90 3.65 5.57
C PHE B 366 19.09 3.10 6.98
N TYR B 367 18.60 3.88 7.97
CA TYR B 367 18.58 3.45 9.37
C TYR B 367 19.98 3.08 9.86
N TYR B 368 20.93 3.99 9.67
CA TYR B 368 22.33 3.66 9.95
C TYR B 368 22.56 3.35 11.42
N LYS B 369 22.01 4.17 12.32
CA LYS B 369 22.26 3.98 13.74
C LYS B 369 21.69 2.65 14.23
N SER B 370 20.50 2.30 13.74
CA SER B 370 19.84 1.08 14.21
C SER B 370 20.66 -0.16 13.88
N ARG B 371 21.07 -0.30 12.62
CA ARG B 371 21.80 -1.50 12.23
C ARG B 371 23.23 -1.49 12.76
N PHE B 372 23.81 -0.32 13.03
CA PHE B 372 25.10 -0.31 13.70
C PHE B 372 24.98 -0.86 15.12
N TRP B 373 23.94 -0.43 15.84
CA TRP B 373 23.71 -0.96 17.19
C TRP B 373 23.39 -2.45 17.14
N LEU B 374 22.59 -2.87 16.16
CA LEU B 374 22.27 -4.30 16.02
C LEU B 374 23.50 -5.12 15.66
N LEU B 375 24.41 -4.56 14.84
CA LEU B 375 25.63 -5.28 14.51
C LEU B 375 26.56 -5.39 15.70
N LYS B 376 26.63 -4.33 16.52
CA LYS B 376 27.40 -4.42 17.75
C LYS B 376 26.86 -5.51 18.66
N LEU B 377 25.54 -5.58 18.81
CA LEU B 377 24.95 -6.65 19.62
C LEU B 377 25.20 -8.02 19.01
N LEU B 378 25.10 -8.12 17.68
CA LEU B 378 25.34 -9.40 17.03
C LEU B 378 26.78 -9.85 17.21
N PHE B 379 27.71 -8.91 17.36
CA PHE B 379 29.09 -9.26 17.68
C PHE B 379 29.23 -9.67 19.14
N ARG B 380 28.59 -8.94 20.05
CA ARG B 380 28.74 -9.26 21.48
C ARG B 380 28.07 -10.58 21.83
N VAL B 381 26.94 -10.88 21.20
CA VAL B 381 26.18 -12.08 21.56
C VAL B 381 26.93 -13.34 21.14
N PHE B 382 27.49 -13.34 19.94
CA PHE B 382 28.17 -14.52 19.43
C PHE B 382 29.53 -14.75 20.07
N THR B 383 30.07 -13.76 20.78
CA THR B 383 31.24 -13.92 21.63
C THR B 383 30.81 -13.50 23.03
N ALA B 384 30.18 -14.42 23.75
CA ALA B 384 29.50 -14.13 25.00
C ALA B 384 30.41 -14.13 26.23
N PRO B 385 31.25 -15.17 26.44
CA PRO B 385 32.02 -15.23 27.70
C PRO B 385 33.01 -14.09 27.85
N PHE B 386 33.38 -13.41 26.78
CA PHE B 386 34.38 -12.35 26.83
C PHE B 386 33.78 -10.96 27.02
N HIS B 387 32.46 -10.86 27.11
CA HIS B 387 31.79 -9.58 27.33
C HIS B 387 30.86 -9.72 28.52
N LYS B 388 30.79 -8.66 29.34
CA LYS B 388 29.83 -8.64 30.43
C LYS B 388 28.41 -8.64 29.88
N VAL B 389 27.59 -9.54 30.42
CA VAL B 389 26.25 -9.77 29.87
C VAL B 389 25.31 -8.68 30.38
N GLY B 390 25.01 -7.71 29.51
CA GLY B 390 23.96 -6.76 29.77
C GLY B 390 22.60 -7.30 29.35
N PHE B 391 21.59 -6.46 29.47
CA PHE B 391 20.24 -6.91 29.10
C PHE B 391 20.12 -7.15 27.61
N ALA B 392 20.71 -6.29 26.78
CA ALA B 392 20.51 -6.38 25.34
C ALA B 392 21.01 -7.72 24.81
N ASP B 393 22.17 -8.17 25.28
CA ASP B 393 22.72 -9.45 24.82
C ASP B 393 21.82 -10.60 25.22
N PHE B 394 21.37 -10.64 26.48
CA PHE B 394 20.40 -11.64 26.96
C PHE B 394 19.20 -11.68 26.10
N TRP B 395 18.54 -10.53 25.95
CA TRP B 395 17.29 -10.48 25.19
C TRP B 395 17.47 -10.97 23.77
N LEU B 396 18.53 -10.49 23.10
CA LEU B 396 18.75 -10.89 21.71
C LEU B 396 19.09 -12.37 21.61
N ALA B 397 19.79 -12.91 22.62
CA ALA B 397 20.08 -14.35 22.62
C ALA B 397 18.81 -15.16 22.80
N ASP B 398 17.88 -14.67 23.62
CA ASP B 398 16.59 -15.35 23.75
C ASP B 398 15.81 -15.31 22.44
N GLN B 399 15.79 -14.16 21.77
CA GLN B 399 15.12 -14.10 20.47
C GLN B 399 15.77 -15.06 19.48
N LEU B 400 17.08 -15.19 19.52
CA LEU B 400 17.75 -16.17 18.68
C LEU B 400 17.33 -17.59 19.05
N ASN B 401 17.11 -17.84 20.34
CA ASN B 401 16.60 -19.14 20.77
C ASN B 401 15.22 -19.41 20.17
N SER B 402 14.37 -18.38 20.12
CA SER B 402 13.08 -18.53 19.44
C SER B 402 13.27 -18.70 17.94
N LEU B 403 14.19 -17.94 17.35
CA LEU B 403 14.41 -17.93 15.91
C LEU B 403 15.49 -18.90 15.48
N SER B 404 15.66 -20.01 16.18
CA SER B 404 16.65 -21.00 15.79
C SER B 404 16.35 -21.59 14.42
N VAL B 405 15.11 -21.52 13.97
CA VAL B 405 14.76 -22.02 12.64
C VAL B 405 15.42 -21.17 11.56
N ILE B 406 15.66 -19.89 11.83
CA ILE B 406 16.35 -19.03 10.87
C ILE B 406 17.78 -19.53 10.66
N LEU B 407 18.49 -19.81 11.76
CA LEU B 407 19.82 -20.40 11.65
C LEU B 407 19.77 -21.76 10.98
N MET B 408 18.72 -22.53 11.27
CA MET B 408 18.54 -23.83 10.62
C MET B 408 18.44 -23.67 9.11
N ASP B 409 17.63 -22.72 8.66
CA ASP B 409 17.44 -22.51 7.23
C ASP B 409 18.68 -21.92 6.56
N LEU B 410 19.42 -21.09 7.29
CA LEU B 410 20.68 -20.57 6.75
C LEU B 410 21.67 -21.71 6.52
N GLU B 411 21.80 -22.60 7.51
CA GLU B 411 22.68 -23.76 7.35
C GLU B 411 22.18 -24.66 6.22
N TYR B 412 20.87 -24.85 6.13
CA TYR B 412 20.32 -25.69 5.06
C TYR B 412 20.59 -25.08 3.69
N MET B 413 20.47 -23.75 3.58
CA MET B 413 20.75 -23.09 2.31
C MET B 413 22.20 -23.27 1.92
N ILE B 414 23.12 -23.08 2.87
CA ILE B 414 24.54 -23.22 2.57
C ILE B 414 24.85 -24.66 2.14
N CYS B 415 24.33 -25.63 2.88
CA CYS B 415 24.60 -27.03 2.55
C CYS B 415 23.98 -27.41 1.21
N PHE B 416 22.76 -26.94 0.94
CA PHE B 416 22.09 -27.25 -0.31
C PHE B 416 22.85 -26.67 -1.49
N TYR B 417 23.25 -25.40 -1.38
CA TYR B 417 24.03 -24.76 -2.45
C TYR B 417 25.35 -25.47 -2.68
N SER B 418 26.04 -25.83 -1.60
CA SER B 418 27.37 -26.40 -1.73
C SER B 418 27.35 -27.85 -2.20
N LEU B 419 26.30 -28.61 -1.88
CA LEU B 419 26.28 -30.03 -2.14
C LEU B 419 25.22 -30.49 -3.12
N GLU B 420 23.95 -30.14 -2.90
CA GLU B 420 22.86 -30.77 -3.63
C GLU B 420 22.34 -29.95 -4.79
N LEU B 421 22.45 -28.62 -4.73
CA LEU B 421 21.90 -27.78 -5.80
C LEU B 421 22.72 -27.94 -7.07
N LYS B 422 22.07 -28.41 -8.13
CA LYS B 422 22.69 -28.49 -9.45
C LYS B 422 22.55 -27.13 -10.11
N TRP B 423 23.69 -26.48 -10.38
CA TRP B 423 23.68 -25.12 -10.91
C TRP B 423 23.40 -25.12 -12.42
N ASP B 424 22.34 -25.80 -12.83
CA ASP B 424 21.97 -25.89 -14.24
C ASP B 424 20.64 -25.22 -14.56
N GLU B 425 19.55 -25.62 -13.90
CA GLU B 425 18.24 -25.11 -14.28
C GLU B 425 17.59 -24.25 -13.20
N SER B 426 17.41 -24.81 -12.00
CA SER B 426 16.65 -24.14 -10.95
C SER B 426 16.92 -24.83 -9.62
N LYS B 427 16.11 -24.47 -8.63
CA LYS B 427 16.21 -25.00 -7.27
C LYS B 427 15.08 -25.98 -6.94
N GLY B 428 14.41 -26.51 -7.96
CA GLY B 428 13.23 -27.32 -7.75
C GLY B 428 13.57 -28.78 -7.50
N LEU B 429 13.43 -29.62 -8.51
CA LEU B 429 13.75 -31.04 -8.41
C LEU B 429 12.83 -31.74 -7.41
N GLY B 438 18.18 -35.94 -0.13
CA GLY B 438 18.78 -34.79 0.54
C GLY B 438 19.69 -35.17 1.68
N ILE B 439 20.98 -34.85 1.54
CA ILE B 439 21.97 -35.17 2.55
C ILE B 439 22.16 -34.05 3.56
N CYS B 440 21.39 -32.96 3.45
CA CYS B 440 21.50 -31.84 4.37
C CYS B 440 20.26 -31.66 5.24
N HIS B 441 19.17 -32.37 4.94
CA HIS B 441 17.93 -32.17 5.69
C HIS B 441 17.94 -32.93 7.02
N LYS B 442 18.80 -33.93 7.18
CA LYS B 442 18.84 -34.73 8.38
C LYS B 442 20.04 -34.34 9.25
N TYR B 443 20.25 -35.08 10.32
CA TYR B 443 21.37 -34.91 11.25
C TYR B 443 22.51 -35.86 10.92
N THR B 444 22.78 -36.08 9.64
CA THR B 444 23.73 -37.12 9.22
C THR B 444 25.08 -36.95 9.89
N TYR B 445 25.63 -35.73 9.85
CA TYR B 445 26.93 -35.45 10.46
C TYR B 445 26.81 -34.68 11.76
N GLY B 446 25.60 -34.49 12.27
CA GLY B 446 25.41 -33.80 13.53
C GLY B 446 25.61 -32.31 13.49
N VAL B 447 25.77 -31.72 12.30
CA VAL B 447 25.99 -30.28 12.21
C VAL B 447 24.72 -29.52 12.60
N ARG B 448 23.56 -29.99 12.14
CA ARG B 448 22.32 -29.28 12.45
C ARG B 448 22.05 -29.25 13.94
N ALA B 449 22.47 -30.28 14.67
CA ALA B 449 22.31 -30.26 16.11
C ALA B 449 23.12 -29.12 16.73
N ILE B 450 24.32 -28.89 16.20
CA ILE B 450 25.11 -27.76 16.66
C ILE B 450 24.41 -26.44 16.35
N VAL B 451 23.80 -26.35 15.16
CA VAL B 451 23.08 -25.12 14.82
C VAL B 451 21.87 -24.95 15.73
N GLN B 452 21.20 -26.04 16.09
CA GLN B 452 20.09 -25.96 17.02
C GLN B 452 20.55 -25.45 18.38
N CYS B 453 21.68 -25.95 18.86
CA CYS B 453 22.17 -25.59 20.19
C CYS B 453 22.90 -24.26 20.21
N ILE B 454 23.24 -23.68 19.05
CA ILE B 454 24.00 -22.43 19.05
C ILE B 454 23.31 -21.32 19.85
N PRO B 455 22.02 -21.05 19.67
CA PRO B 455 21.39 -20.07 20.57
C PRO B 455 21.35 -20.56 22.01
N ALA B 456 21.07 -21.85 22.21
CA ALA B 456 21.11 -22.42 23.55
C ALA B 456 22.51 -22.38 24.13
N TRP B 457 23.52 -22.62 23.29
CA TRP B 457 24.90 -22.55 23.77
C TRP B 457 25.27 -21.13 24.18
N LEU B 458 24.85 -20.14 23.38
CA LEU B 458 25.13 -18.75 23.73
C LEU B 458 24.46 -18.38 25.04
N ARG B 459 23.20 -18.79 25.23
CA ARG B 459 22.52 -18.50 26.49
C ARG B 459 23.18 -19.22 27.65
N PHE B 460 23.63 -20.45 27.43
CA PHE B 460 24.29 -21.21 28.50
C PHE B 460 25.58 -20.53 28.93
N ILE B 461 26.42 -20.14 27.96
CA ILE B 461 27.67 -19.49 28.32
C ILE B 461 27.44 -18.10 28.89
N GLN B 462 26.33 -17.45 28.51
CA GLN B 462 25.99 -16.18 29.15
C GLN B 462 25.60 -16.39 30.60
N CYS B 463 24.87 -17.46 30.91
CA CYS B 463 24.57 -17.77 32.31
C CYS B 463 25.84 -18.07 33.10
N LEU B 464 26.76 -18.83 32.51
CA LEU B 464 28.03 -19.10 33.20
C LEU B 464 28.83 -17.82 33.39
N ARG B 465 28.87 -16.96 32.37
CA ARG B 465 29.57 -15.69 32.50
C ARG B 465 28.95 -14.81 33.58
N ARG B 466 27.63 -14.80 33.67
CA ARG B 466 26.96 -14.05 34.73
C ARG B 466 27.26 -14.65 36.09
N TYR B 467 27.43 -15.97 36.17
CA TYR B 467 27.87 -16.59 37.43
C TYR B 467 29.26 -16.11 37.81
N ARG B 468 30.19 -16.06 36.85
CA ARG B 468 31.54 -15.59 37.15
C ARG B 468 31.52 -14.13 37.59
N ASP B 469 30.75 -13.29 36.90
CA ASP B 469 30.70 -11.88 37.28
C ASP B 469 30.01 -11.67 38.62
N THR B 470 29.00 -12.47 38.94
CA THR B 470 28.29 -12.37 40.21
C THR B 470 28.09 -13.79 40.73
N LYS B 471 28.80 -14.12 41.81
CA LYS B 471 28.72 -15.47 42.38
C LYS B 471 27.37 -15.66 43.07
N ARG B 472 26.36 -16.05 42.29
CA ARG B 472 25.01 -16.27 42.81
C ARG B 472 24.35 -17.31 41.91
N ALA B 473 24.19 -18.52 42.42
CA ALA B 473 23.80 -19.64 41.57
C ALA B 473 22.29 -19.76 41.41
N PHE B 474 21.49 -19.11 42.27
CA PHE B 474 20.06 -19.36 42.26
C PHE B 474 19.40 -19.01 40.94
N PRO B 475 19.59 -17.82 40.35
CA PRO B 475 19.01 -17.60 39.01
C PRO B 475 19.85 -18.24 37.91
N HIS B 476 21.16 -18.05 37.97
CA HIS B 476 22.02 -18.29 36.81
C HIS B 476 22.28 -19.78 36.60
N LEU B 477 22.58 -20.52 37.67
CA LEU B 477 22.89 -21.94 37.49
C LEU B 477 21.64 -22.74 37.13
N VAL B 478 20.50 -22.39 37.71
CA VAL B 478 19.25 -23.06 37.34
C VAL B 478 18.84 -22.70 35.91
N ASN B 479 19.10 -21.46 35.49
CA ASN B 479 18.84 -21.10 34.10
C ASN B 479 19.77 -21.84 33.15
N ALA B 480 21.04 -21.99 33.53
CA ALA B 480 21.96 -22.78 32.74
C ALA B 480 21.54 -24.25 32.68
N GLY B 481 20.98 -24.77 33.77
CA GLY B 481 20.38 -26.10 33.72
C GLY B 481 19.22 -26.16 32.76
N LYS B 482 18.40 -25.10 32.74
CA LYS B 482 17.29 -25.02 31.80
C LYS B 482 17.77 -25.11 30.36
N TYR B 483 18.88 -24.47 30.04
CA TYR B 483 19.41 -24.54 28.68
C TYR B 483 20.16 -25.85 28.40
N SER B 484 20.79 -26.45 29.42
CA SER B 484 21.43 -27.75 29.19
C SER B 484 20.39 -28.84 28.99
N THR B 485 19.17 -28.65 29.51
CA THR B 485 18.09 -29.57 29.15
C THR B 485 17.82 -29.51 27.65
N THR B 486 17.88 -28.31 27.07
CA THR B 486 17.78 -28.20 25.62
C THR B 486 18.94 -28.90 24.93
N PHE B 487 20.15 -28.77 25.48
CA PHE B 487 21.29 -29.52 24.94
C PHE B 487 20.99 -31.02 24.90
N PHE B 488 20.57 -31.57 26.04
CA PHE B 488 20.30 -33.00 26.12
C PHE B 488 19.19 -33.43 25.16
N MET B 489 18.12 -32.63 25.11
CA MET B 489 17.02 -32.94 24.19
C MET B 489 17.50 -32.98 22.75
N VAL B 490 18.30 -31.99 22.34
CA VAL B 490 18.76 -31.93 20.95
C VAL B 490 19.68 -33.09 20.63
N THR B 491 20.63 -33.41 21.52
CA THR B 491 21.57 -34.48 21.19
C THR B 491 20.88 -35.83 21.19
N PHE B 492 19.89 -36.03 22.05
CA PHE B 492 19.18 -37.31 22.03
C PHE B 492 18.28 -37.43 20.81
N ALA B 493 17.66 -36.32 20.39
CA ALA B 493 16.89 -36.35 19.15
C ALA B 493 17.78 -36.65 17.95
N ALA B 494 18.96 -36.03 17.90
CA ALA B 494 19.90 -36.31 16.82
C ALA B 494 20.40 -37.74 16.87
N LEU B 495 20.64 -38.26 18.07
CA LEU B 495 21.08 -39.65 18.21
C LEU B 495 20.01 -40.61 17.71
N TYR B 496 18.74 -40.34 18.03
CA TYR B 496 17.66 -41.18 17.53
C TYR B 496 17.56 -41.08 16.01
N SER B 497 17.70 -39.88 15.47
CA SER B 497 17.62 -39.71 14.02
C SER B 497 18.76 -40.44 13.32
N THR B 498 19.94 -40.47 13.92
CA THR B 498 21.06 -41.19 13.34
C THR B 498 20.87 -42.70 13.49
N HIS B 499 20.36 -43.15 14.64
CA HIS B 499 20.21 -44.57 14.92
C HIS B 499 19.03 -45.21 14.23
N LYS B 500 18.09 -44.41 13.70
CA LYS B 500 16.95 -44.99 13.00
C LYS B 500 17.40 -45.74 11.75
N GLU B 501 18.55 -45.38 11.18
CA GLU B 501 19.12 -46.12 10.07
C GLU B 501 20.13 -47.16 10.51
N ARG B 502 20.68 -47.03 11.72
CA ARG B 502 21.64 -48.00 12.21
C ARG B 502 20.98 -49.35 12.47
N GLY B 503 19.74 -49.35 12.94
CA GLY B 503 19.07 -50.57 13.30
C GLY B 503 19.38 -51.09 14.69
N HIS B 504 20.10 -50.33 15.50
CA HIS B 504 20.45 -50.75 16.84
C HIS B 504 19.20 -50.83 17.71
N SER B 505 19.12 -51.86 18.54
CA SER B 505 18.00 -51.98 19.48
C SER B 505 17.95 -50.84 20.48
N ASP B 506 19.05 -50.11 20.64
CA ASP B 506 19.07 -48.93 21.51
C ASP B 506 18.33 -47.75 20.90
N THR B 507 17.83 -47.87 19.67
CA THR B 507 17.05 -46.79 19.07
C THR B 507 15.80 -46.49 19.88
N MET B 508 15.13 -47.54 20.35
CA MET B 508 13.88 -47.35 21.09
C MET B 508 14.15 -46.68 22.44
N VAL B 509 15.21 -47.09 23.14
CA VAL B 509 15.53 -46.47 24.41
C VAL B 509 16.03 -45.05 24.23
N PHE B 510 16.69 -44.76 23.10
CA PHE B 510 17.06 -43.38 22.80
C PHE B 510 15.82 -42.54 22.53
N PHE B 511 14.81 -43.13 21.88
CA PHE B 511 13.54 -42.43 21.71
C PHE B 511 12.88 -42.15 23.05
N TYR B 512 12.91 -43.13 23.96
CA TYR B 512 12.39 -42.90 25.31
C TYR B 512 13.13 -41.76 25.99
N LEU B 513 14.46 -41.74 25.88
CA LEU B 513 15.25 -40.69 26.51
C LEU B 513 14.92 -39.33 25.91
N TRP B 514 14.76 -39.27 24.58
CA TRP B 514 14.39 -38.01 23.95
C TRP B 514 13.02 -37.53 24.42
N ILE B 515 12.06 -38.46 24.56
CA ILE B 515 10.72 -38.08 24.99
C ILE B 515 10.75 -37.54 26.42
N VAL B 516 11.41 -38.26 27.33
CA VAL B 516 11.41 -37.83 28.72
C VAL B 516 12.17 -36.52 28.88
N PHE B 517 13.27 -36.35 28.13
CA PHE B 517 14.01 -35.10 28.21
C PHE B 517 13.27 -33.94 27.56
N TYR B 518 12.47 -34.21 26.52
CA TYR B 518 11.59 -33.18 25.99
C TYR B 518 10.53 -32.77 27.01
N ILE B 519 9.99 -33.75 27.75
CA ILE B 519 9.05 -33.43 28.82
C ILE B 519 9.74 -32.57 29.88
N ILE B 520 10.94 -32.96 30.28
CA ILE B 520 11.66 -32.23 31.32
C ILE B 520 11.96 -30.81 30.85
N SER B 521 12.44 -30.67 29.61
CA SER B 521 12.76 -29.36 29.08
C SER B 521 11.52 -28.49 28.94
N SER B 522 10.41 -29.07 28.50
CA SER B 522 9.18 -28.30 28.34
C SER B 522 8.67 -27.79 29.69
N CYS B 523 8.60 -28.67 30.69
CA CYS B 523 8.19 -28.23 32.01
C CYS B 523 9.18 -27.24 32.60
N TYR B 524 10.46 -27.37 32.27
CA TYR B 524 11.52 -26.49 32.85
C TYR B 524 11.45 -25.14 32.28
N THR B 525 11.19 -25.04 30.99
CA THR B 525 11.02 -23.75 30.35
C THR B 525 9.68 -23.10 30.73
N LEU B 526 8.61 -23.90 30.78
CA LEU B 526 7.30 -23.35 31.10
C LEU B 526 7.25 -22.81 32.52
N ILE B 527 7.77 -23.59 33.48
CA ILE B 527 7.79 -23.15 34.87
C ILE B 527 8.67 -21.91 35.01
N TRP B 528 9.84 -21.91 34.38
CA TRP B 528 10.71 -20.74 34.44
C TRP B 528 10.01 -19.52 33.86
N ASP B 529 9.31 -19.69 32.74
CA ASP B 529 8.55 -18.60 32.14
C ASP B 529 7.57 -18.01 33.14
N LEU B 530 6.58 -18.82 33.52
CA LEU B 530 5.48 -18.30 34.35
C LEU B 530 5.93 -17.86 35.73
N LYS B 531 7.08 -18.33 36.21
CA LYS B 531 7.52 -17.97 37.56
C LYS B 531 8.55 -16.85 37.57
N MET B 532 9.69 -17.05 36.91
CA MET B 532 10.77 -16.07 36.93
C MET B 532 10.75 -15.12 35.74
N ASP B 533 10.25 -15.56 34.59
CA ASP B 533 10.28 -14.70 33.41
C ASP B 533 9.12 -13.71 33.43
N TRP B 534 7.89 -14.21 33.39
CA TRP B 534 6.73 -13.34 33.44
C TRP B 534 6.45 -12.83 34.85
N GLY B 535 6.86 -13.57 35.87
CA GLY B 535 6.59 -13.19 37.24
C GLY B 535 5.20 -13.53 37.74
N LEU B 536 4.44 -14.31 36.98
CA LEU B 536 3.08 -14.66 37.37
C LEU B 536 3.09 -15.75 38.43
N PHE B 537 1.90 -16.16 38.84
CA PHE B 537 1.72 -17.17 39.89
C PHE B 537 2.44 -16.78 41.17
N ASP B 538 2.42 -15.49 41.48
CA ASP B 538 3.06 -14.99 42.68
C ASP B 538 2.24 -15.33 43.92
N LYS B 539 2.90 -15.26 45.07
CA LYS B 539 2.22 -15.50 46.34
C LYS B 539 1.41 -14.31 46.82
N ASN B 540 1.53 -13.16 46.16
CA ASN B 540 0.78 -11.96 46.49
C ASN B 540 -0.17 -11.59 45.36
N ALA B 541 -0.84 -12.60 44.80
CA ALA B 541 -1.72 -12.37 43.65
C ALA B 541 -2.85 -11.41 44.00
N GLY B 542 -3.47 -11.58 45.16
CA GLY B 542 -4.54 -10.69 45.56
C GLY B 542 -5.75 -10.85 44.67
N GLU B 543 -6.31 -9.72 44.23
CA GLU B 543 -7.46 -9.76 43.33
C GLU B 543 -7.09 -10.40 42.00
N ASN B 544 -5.91 -10.07 41.46
CA ASN B 544 -5.43 -10.65 40.21
C ASN B 544 -5.00 -12.09 40.49
N THR B 545 -5.99 -12.98 40.47
CA THR B 545 -5.73 -14.38 40.79
C THR B 545 -4.81 -15.00 39.75
N PHE B 546 -3.91 -15.87 40.23
CA PHE B 546 -2.95 -16.59 39.39
C PHE B 546 -1.99 -15.64 38.66
N LEU B 547 -1.77 -14.45 39.22
CA LEU B 547 -0.95 -13.44 38.58
C LEU B 547 -0.12 -12.76 39.66
N ARG B 548 0.47 -11.61 39.34
CA ARG B 548 1.22 -10.81 40.28
C ARG B 548 0.36 -9.62 40.73
N GLU B 549 0.93 -8.78 41.60
CA GLU B 549 0.11 -7.76 42.24
C GLU B 549 0.17 -6.42 41.50
N GLU B 550 1.15 -6.20 40.65
CA GLU B 550 1.15 -5.07 39.74
C GLU B 550 0.88 -5.56 38.32
N ILE B 551 -0.11 -4.96 37.67
CA ILE B 551 -0.46 -5.29 36.29
C ILE B 551 -0.62 -3.98 35.52
N VAL B 552 0.06 -3.89 34.38
CA VAL B 552 0.07 -2.66 33.59
C VAL B 552 -0.86 -2.79 32.40
N TYR B 553 -1.05 -4.02 31.92
CA TYR B 553 -1.93 -4.25 30.79
C TYR B 553 -3.39 -4.09 31.20
N PRO B 554 -4.26 -3.62 30.30
CA PRO B 554 -5.64 -3.32 30.68
C PRO B 554 -6.44 -4.54 31.15
N GLN B 555 -6.50 -5.57 30.33
CA GLN B 555 -7.34 -6.73 30.60
C GLN B 555 -6.52 -7.90 31.10
N LYS B 556 -7.04 -8.56 32.15
CA LYS B 556 -6.41 -9.78 32.66
C LYS B 556 -6.65 -10.98 31.76
N ALA B 557 -7.71 -10.94 30.94
CA ALA B 557 -7.94 -12.02 29.99
C ALA B 557 -6.75 -12.20 29.07
N TYR B 558 -6.04 -11.11 28.76
CA TYR B 558 -4.78 -11.22 28.04
C TYR B 558 -3.79 -12.10 28.79
N TYR B 559 -3.69 -11.90 30.11
CA TYR B 559 -2.76 -12.67 30.92
C TYR B 559 -3.13 -14.14 30.93
N TYR B 560 -4.41 -14.45 31.14
CA TYR B 560 -4.83 -15.85 31.21
C TYR B 560 -4.67 -16.54 29.85
N CYS B 561 -5.06 -15.87 28.77
CA CYS B 561 -4.86 -16.42 27.44
C CYS B 561 -3.37 -16.63 27.16
N ALA B 562 -2.53 -15.69 27.60
CA ALA B 562 -1.09 -15.85 27.43
C ALA B 562 -0.57 -17.05 28.18
N ILE B 563 -0.99 -17.22 29.43
CA ILE B 563 -0.57 -18.39 30.21
C ILE B 563 -0.96 -19.67 29.49
N ILE B 564 -2.22 -19.76 29.07
CA ILE B 564 -2.69 -20.98 28.41
C ILE B 564 -1.90 -21.24 27.14
N GLU B 565 -1.90 -20.27 26.21
CA GLU B 565 -1.20 -20.44 24.95
C GLU B 565 0.27 -20.77 25.17
N ASP B 566 0.86 -20.28 26.25
CA ASP B 566 2.22 -20.68 26.58
C ASP B 566 2.28 -22.17 26.92
N VAL B 567 1.27 -22.68 27.63
CA VAL B 567 1.25 -24.10 27.96
C VAL B 567 1.21 -24.95 26.70
N ILE B 568 0.32 -24.63 25.75
CA ILE B 568 0.28 -25.45 24.54
C ILE B 568 1.55 -25.25 23.71
N LEU B 569 1.96 -24.00 23.50
CA LEU B 569 3.05 -23.75 22.57
C LEU B 569 4.38 -24.29 23.09
N ARG B 570 4.62 -24.24 24.39
CA ARG B 570 5.81 -24.90 24.94
C ARG B 570 5.69 -26.41 24.82
N PHE B 571 4.47 -26.94 24.97
CA PHE B 571 4.22 -28.36 24.82
C PHE B 571 3.71 -28.72 23.43
N ALA B 572 3.85 -27.82 22.45
CA ALA B 572 3.46 -28.12 21.08
C ALA B 572 4.27 -29.26 20.50
N TRP B 573 5.41 -29.59 21.10
CA TRP B 573 6.16 -30.77 20.67
C TRP B 573 5.36 -32.04 20.89
N THR B 574 4.51 -32.07 21.92
CA THR B 574 3.63 -33.22 22.11
C THR B 574 2.65 -33.36 20.95
N ILE B 575 2.07 -32.25 20.51
CA ILE B 575 1.17 -32.28 19.35
C ILE B 575 1.93 -32.74 18.12
N GLN B 576 3.15 -32.21 17.92
CA GLN B 576 3.89 -32.54 16.71
C GLN B 576 4.31 -34.01 16.70
N ILE B 577 4.74 -34.55 17.84
CA ILE B 577 5.13 -35.95 17.87
C ILE B 577 3.90 -36.85 17.72
N SER B 578 2.76 -36.43 18.28
CA SER B 578 1.54 -37.22 18.13
C SER B 578 1.12 -37.30 16.67
N ILE B 579 1.12 -36.16 15.97
CA ILE B 579 0.65 -36.17 14.58
C ILE B 579 1.68 -36.85 13.67
N THR B 580 2.97 -36.72 13.98
CA THR B 580 3.99 -37.36 13.15
C THR B 580 4.16 -38.85 13.46
N SER B 581 3.63 -39.34 14.58
CA SER B 581 3.72 -40.75 14.91
C SER B 581 2.43 -41.52 14.66
N THR B 582 1.28 -40.86 14.69
CA THR B 582 0.00 -41.52 14.48
C THR B 582 -0.49 -41.39 13.05
N THR B 583 0.28 -40.76 12.17
CA THR B 583 -0.11 -40.59 10.77
C THR B 583 1.03 -41.03 9.86
N LEU B 584 0.68 -41.37 8.63
CA LEU B 584 1.64 -41.80 7.62
C LEU B 584 1.71 -40.83 6.44
N LEU B 585 1.33 -39.57 6.65
CA LEU B 585 1.37 -38.60 5.58
C LEU B 585 2.82 -38.32 5.17
N PRO B 586 3.11 -38.25 3.88
CA PRO B 586 4.49 -38.00 3.45
C PRO B 586 4.94 -36.58 3.80
N HIS B 587 6.22 -36.47 4.16
CA HIS B 587 6.84 -35.20 4.53
C HIS B 587 6.04 -34.49 5.61
N SER B 588 5.57 -35.25 6.59
CA SER B 588 4.76 -34.68 7.66
C SER B 588 5.57 -33.70 8.50
N GLY B 589 6.76 -34.11 8.93
CA GLY B 589 7.55 -33.27 9.82
C GLY B 589 7.88 -31.92 9.21
N ASP B 590 8.10 -31.88 7.91
CA ASP B 590 8.36 -30.60 7.24
C ASP B 590 7.16 -29.67 7.37
N ILE B 591 5.96 -30.20 7.14
CA ILE B 591 4.75 -29.37 7.27
C ILE B 591 4.60 -28.90 8.71
N ILE B 592 4.81 -29.81 9.67
CA ILE B 592 4.63 -29.46 11.08
C ILE B 592 5.60 -28.37 11.49
N ALA B 593 6.87 -28.50 11.09
CA ALA B 593 7.85 -27.46 11.41
C ALA B 593 7.48 -26.14 10.74
N THR B 594 7.00 -26.22 9.49
CA THR B 594 6.67 -25.00 8.75
C THR B 594 5.53 -24.24 9.41
N VAL B 595 4.55 -24.94 9.98
CA VAL B 595 3.42 -24.24 10.57
C VAL B 595 3.75 -23.81 12.00
N PHE B 596 4.50 -24.63 12.74
CA PHE B 596 4.76 -24.33 14.14
C PHE B 596 5.91 -23.36 14.35
N ALA B 597 6.74 -23.11 13.34
CA ALA B 597 7.77 -22.08 13.49
C ALA B 597 7.18 -20.69 13.67
N PRO B 598 6.20 -20.24 12.86
CA PRO B 598 5.55 -18.96 13.19
C PRO B 598 4.85 -18.99 14.54
N LEU B 599 4.38 -20.16 14.98
CA LEU B 599 3.78 -20.26 16.31
C LEU B 599 4.84 -20.07 17.40
N GLU B 600 6.06 -20.55 17.17
CA GLU B 600 7.15 -20.28 18.10
C GLU B 600 7.51 -18.79 18.12
N VAL B 601 7.54 -18.15 16.95
CA VAL B 601 7.79 -16.71 16.91
C VAL B 601 6.67 -15.96 17.63
N PHE B 602 5.43 -16.43 17.48
CA PHE B 602 4.31 -15.82 18.20
C PHE B 602 4.42 -16.06 19.70
N ARG B 603 4.90 -17.23 20.10
CA ARG B 603 5.09 -17.52 21.52
C ARG B 603 6.09 -16.57 22.14
N ARG B 604 7.22 -16.31 21.45
CA ARG B 604 8.16 -15.33 21.96
C ARG B 604 7.62 -13.91 21.82
N PHE B 605 6.75 -13.66 20.84
CA PHE B 605 6.09 -12.36 20.72
C PHE B 605 5.27 -12.07 21.97
N VAL B 606 4.54 -13.07 22.46
CA VAL B 606 3.79 -12.91 23.71
C VAL B 606 4.74 -12.87 24.90
N TRP B 607 5.82 -13.65 24.83
CA TRP B 607 6.79 -13.68 25.93
C TRP B 607 7.43 -12.32 26.16
N ASN B 608 7.69 -11.58 25.08
CA ASN B 608 8.31 -10.26 25.19
C ASN B 608 7.49 -9.32 26.05
N PHE B 609 6.17 -9.28 25.83
CA PHE B 609 5.30 -8.39 26.58
C PHE B 609 5.51 -8.53 28.08
N PHE B 610 5.29 -9.73 28.60
CA PHE B 610 5.29 -9.93 30.04
C PHE B 610 6.68 -9.98 30.62
N ARG B 611 7.68 -10.43 29.87
CA ARG B 611 9.06 -10.37 30.37
C ARG B 611 9.49 -8.93 30.57
N LEU B 612 9.26 -8.07 29.57
CA LEU B 612 9.65 -6.68 29.72
C LEU B 612 8.79 -5.95 30.73
N GLU B 613 7.52 -6.34 30.87
CA GLU B 613 6.69 -5.75 31.91
C GLU B 613 7.18 -6.12 33.30
N ASN B 614 7.54 -7.39 33.49
CA ASN B 614 8.12 -7.81 34.77
C ASN B 614 9.39 -7.04 35.08
N GLU B 615 10.25 -6.86 34.07
CA GLU B 615 11.49 -6.13 34.27
C GLU B 615 11.23 -4.66 34.59
N HIS B 616 10.25 -4.06 33.91
CA HIS B 616 9.90 -2.66 34.20
C HIS B 616 9.37 -2.51 35.62
N LEU B 617 8.59 -3.48 36.09
CA LEU B 617 8.00 -3.36 37.42
C LEU B 617 9.04 -3.62 38.50
N ASN B 618 9.64 -4.81 38.51
CA ASN B 618 10.66 -5.17 39.47
C ASN B 618 11.92 -5.63 38.75
N ASN B 619 13.08 -5.22 39.25
CA ASN B 619 14.34 -5.56 38.62
C ASN B 619 14.57 -7.07 38.64
N CYS B 620 15.05 -7.61 37.52
CA CYS B 620 15.43 -9.02 37.42
C CYS B 620 16.83 -9.10 36.83
N GLY B 621 17.84 -8.94 37.69
CA GLY B 621 19.22 -9.16 37.30
C GLY B 621 19.96 -7.99 36.70
N GLU B 622 19.52 -7.50 35.54
CA GLU B 622 20.32 -6.63 34.70
C GLU B 622 20.07 -5.14 34.96
N PHE B 623 19.63 -4.78 36.16
CA PHE B 623 19.48 -3.38 36.52
C PHE B 623 20.45 -2.99 37.64
N ARG B 624 20.37 -3.65 38.78
CA ARG B 624 21.28 -3.51 39.93
C ARG B 624 21.30 -2.11 40.53
N ALA B 625 20.50 -1.18 40.01
CA ALA B 625 20.50 0.20 40.51
C ALA B 625 19.17 0.61 41.13
N VAL B 626 18.08 0.53 40.37
CA VAL B 626 16.77 0.98 40.82
C VAL B 626 15.72 -0.04 40.38
N ARG B 627 14.50 0.14 40.89
CA ARG B 627 13.40 -0.72 40.51
C ARG B 627 13.01 -0.51 39.05
N ASP B 628 13.01 0.73 38.59
CA ASP B 628 12.63 1.04 37.21
C ASP B 628 13.66 0.54 36.22
#